data_1K2G
# 
_entry.id   1K2G 
# 
_audit_conform.dict_name       mmcif_pdbx.dic 
_audit_conform.dict_version    5.392 
_audit_conform.dict_location   http://mmcif.pdb.org/dictionaries/ascii/mmcif_pdbx.dic 
# 
loop_
_database_2.database_id 
_database_2.database_code 
_database_2.pdbx_database_accession 
_database_2.pdbx_DOI 
PDB   1K2G         pdb_00001k2g 10.2210/pdb1k2g/pdb 
RCSB  RCSB014476   ?            ?                   
WWPDB D_1000014476 ?            ?                   
# 
loop_
_pdbx_audit_revision_history.ordinal 
_pdbx_audit_revision_history.data_content_type 
_pdbx_audit_revision_history.major_revision 
_pdbx_audit_revision_history.minor_revision 
_pdbx_audit_revision_history.revision_date 
1 'Structure model' 1 0 2002-05-08 
2 'Structure model' 1 1 2008-04-27 
3 'Structure model' 1 2 2011-07-13 
4 'Structure model' 1 3 2022-02-23 
5 'Structure model' 1 4 2024-05-22 
# 
_pdbx_audit_revision_details.ordinal             1 
_pdbx_audit_revision_details.revision_ordinal    1 
_pdbx_audit_revision_details.data_content_type   'Structure model' 
_pdbx_audit_revision_details.provider            repository 
_pdbx_audit_revision_details.type                'Initial release' 
_pdbx_audit_revision_details.description         ? 
_pdbx_audit_revision_details.details             ? 
# 
loop_
_pdbx_audit_revision_group.ordinal 
_pdbx_audit_revision_group.revision_ordinal 
_pdbx_audit_revision_group.data_content_type 
_pdbx_audit_revision_group.group 
1 2 'Structure model' 'Version format compliance' 
2 3 'Structure model' 'Version format compliance' 
3 4 'Structure model' 'Data collection'           
4 4 'Structure model' 'Database references'       
5 4 'Structure model' 'Derived calculations'      
6 5 'Structure model' 'Data collection'           
# 
loop_
_pdbx_audit_revision_category.ordinal 
_pdbx_audit_revision_category.revision_ordinal 
_pdbx_audit_revision_category.data_content_type 
_pdbx_audit_revision_category.category 
1 4 'Structure model' database_2            
2 4 'Structure model' pdbx_nmr_software     
3 4 'Structure model' pdbx_struct_assembly  
4 4 'Structure model' pdbx_struct_oper_list 
5 5 'Structure model' chem_comp_atom        
6 5 'Structure model' chem_comp_bond        
# 
loop_
_pdbx_audit_revision_item.ordinal 
_pdbx_audit_revision_item.revision_ordinal 
_pdbx_audit_revision_item.data_content_type 
_pdbx_audit_revision_item.item 
1 4 'Structure model' '_database_2.pdbx_DOI'                
2 4 'Structure model' '_database_2.pdbx_database_accession' 
3 4 'Structure model' '_pdbx_nmr_software.name'             
# 
_pdbx_database_status.status_code                     REL 
_pdbx_database_status.entry_id                        1K2G 
_pdbx_database_status.recvd_initial_deposition_date   2001-09-27 
_pdbx_database_status.deposit_site                    RCSB 
_pdbx_database_status.process_site                    RCSB 
_pdbx_database_status.status_code_mr                  REL 
_pdbx_database_status.SG_entry                        . 
_pdbx_database_status.pdb_format_compatible           Y 
_pdbx_database_status.status_code_sf                  ? 
_pdbx_database_status.status_code_cs                  ? 
_pdbx_database_status.status_code_nmr_data            ? 
_pdbx_database_status.methods_development_category    ? 
# 
loop_
_audit_author.name 
_audit_author.pdbx_ordinal 
'Kitamura, Y.' 1  
'Muto, Y.'     2  
'Watanabe, S.' 3  
'Kim, I.'      4  
'Ito, T.'      5  
'Nishiya, Y.'  6  
'Sakamoto, K.' 7  
'Ohtsuki, T.'  8  
'Kawai, G.'    9  
'Watanabe, K.' 10 
'Hosono, K.'   11 
'Takaku, H.'   12 
'Katoh, E.'    13 
'Yamazaki, T.' 14 
'Inoue, T.'    15 
'Yokoyama, S.' 16 
# 
_citation.id                        primary 
_citation.title                     
;Solution structure of an RNA fragment with the P7/P9.0 region and the 3'-terminal guanosine of the tetrahymena group I intron.
;
_citation.journal_abbrev            RNA 
_citation.journal_volume            8 
_citation.page_first                440 
_citation.page_last                 451 
_citation.year                      2002 
_citation.journal_id_ASTM           RNARFU 
_citation.country                   UK 
_citation.journal_id_ISSN           1355-8382 
_citation.journal_id_CSD            2122 
_citation.book_publisher            ? 
_citation.pdbx_database_id_PubMed   11991639 
_citation.pdbx_database_id_DOI      10.1017/S1355838202026043 
# 
loop_
_citation_author.citation_id 
_citation_author.name 
_citation_author.ordinal 
_citation_author.identifier_ORCID 
primary 'Kitamura, A.' 1  ? 
primary 'Muto, Y.'     2  ? 
primary 'Watanabe, S.' 3  ? 
primary 'Kim, I.'      4  ? 
primary 'Ito, T.'      5  ? 
primary 'Nishiya, Y.'  6  ? 
primary 'Sakamoto, K.' 7  ? 
primary 'Ohtsuki, T.'  8  ? 
primary 'Kawai, G.'    9  ? 
primary 'Watanabe, K.' 10 ? 
primary 'Hosono, K.'   11 ? 
primary 'Takaku, H.'   12 ? 
primary 'Katoh, E.'    13 ? 
primary 'Yamazaki, T.' 14 ? 
primary 'Inoue, T.'    15 ? 
primary 'Yokoyama, S.' 16 ? 
# 
_entity.id                         1 
_entity.type                       polymer 
_entity.src_method                 syn 
_entity.pdbx_description           "5'-R(*CP*AP*GP*AP*CP*UP*UP*CP*GP*GP*UP*CP*GP*CP*AP*GP*AP*GP*AP*UP*GP*G)-3'" 
_entity.formula_weight             7113.291 
_entity.pdbx_number_of_molecules   1 
_entity.pdbx_ec                    ? 
_entity.pdbx_mutation              ? 
_entity.pdbx_fragment              ? 
_entity.details                    'P7-P9.0 DOMAIN OF RNA GROUP I INTRON' 
# 
_entity_poly.entity_id                      1 
_entity_poly.type                           polyribonucleotide 
_entity_poly.nstd_linkage                   no 
_entity_poly.nstd_monomer                   no 
_entity_poly.pdbx_seq_one_letter_code       CAGACUUCGGUCGCAGAGAUGG 
_entity_poly.pdbx_seq_one_letter_code_can   CAGACUUCGGUCGCAGAGAUGG 
_entity_poly.pdbx_strand_id                 A 
_entity_poly.pdbx_target_identifier         ? 
# 
loop_
_entity_poly_seq.entity_id 
_entity_poly_seq.num 
_entity_poly_seq.mon_id 
_entity_poly_seq.hetero 
1 1  C n 
1 2  A n 
1 3  G n 
1 4  A n 
1 5  C n 
1 6  U n 
1 7  U n 
1 8  C n 
1 9  G n 
1 10 G n 
1 11 U n 
1 12 C n 
1 13 G n 
1 14 C n 
1 15 A n 
1 16 G n 
1 17 A n 
1 18 G n 
1 19 A n 
1 20 U n 
1 21 G n 
1 22 G n 
# 
_pdbx_entity_src_syn.entity_id              1 
_pdbx_entity_src_syn.pdbx_src_id            1 
_pdbx_entity_src_syn.pdbx_alt_source_flag   sample 
_pdbx_entity_src_syn.pdbx_beg_seq_num       ? 
_pdbx_entity_src_syn.pdbx_end_seq_num       ? 
_pdbx_entity_src_syn.organism_scientific    ? 
_pdbx_entity_src_syn.organism_common_name   ? 
_pdbx_entity_src_syn.ncbi_taxonomy_id       ? 
_pdbx_entity_src_syn.details                'Sequence from Tetrahymena Thermophila.' 
# 
loop_
_chem_comp.id 
_chem_comp.type 
_chem_comp.mon_nstd_flag 
_chem_comp.name 
_chem_comp.pdbx_synonyms 
_chem_comp.formula 
_chem_comp.formula_weight 
A 'RNA linking' y "ADENOSINE-5'-MONOPHOSPHATE" ? 'C10 H14 N5 O7 P' 347.221 
C 'RNA linking' y "CYTIDINE-5'-MONOPHOSPHATE"  ? 'C9 H14 N3 O8 P'  323.197 
G 'RNA linking' y "GUANOSINE-5'-MONOPHOSPHATE" ? 'C10 H14 N5 O8 P' 363.221 
U 'RNA linking' y "URIDINE-5'-MONOPHOSPHATE"   ? 'C9 H13 N2 O9 P'  324.181 
# 
loop_
_pdbx_poly_seq_scheme.asym_id 
_pdbx_poly_seq_scheme.entity_id 
_pdbx_poly_seq_scheme.seq_id 
_pdbx_poly_seq_scheme.mon_id 
_pdbx_poly_seq_scheme.ndb_seq_num 
_pdbx_poly_seq_scheme.pdb_seq_num 
_pdbx_poly_seq_scheme.auth_seq_num 
_pdbx_poly_seq_scheme.pdb_mon_id 
_pdbx_poly_seq_scheme.auth_mon_id 
_pdbx_poly_seq_scheme.pdb_strand_id 
_pdbx_poly_seq_scheme.pdb_ins_code 
_pdbx_poly_seq_scheme.hetero 
A 1 1  C 1  1  1  C CYT A . n 
A 1 2  A 2  2  2  A ADE A . n 
A 1 3  G 3  3  3  G GUA A . n 
A 1 4  A 4  4  4  A ADE A . n 
A 1 5  C 5  5  5  C CYT A . n 
A 1 6  U 6  6  6  U URI A . n 
A 1 7  U 7  7  7  U URI A . n 
A 1 8  C 8  8  8  C CYT A . n 
A 1 9  G 9  9  9  G GUA A . n 
A 1 10 G 10 10 10 G GUA A . n 
A 1 11 U 11 11 11 U URI A . n 
A 1 12 C 12 12 12 C CYT A . n 
A 1 13 G 13 13 13 G GUA A . n 
A 1 14 C 14 14 14 C CYT A . n 
A 1 15 A 15 15 15 A ADE A . n 
A 1 16 G 16 16 16 G GUA A . n 
A 1 17 A 17 17 17 A ADE A . n 
A 1 18 G 18 18 18 G GUA A . n 
A 1 19 A 19 19 19 A ADE A . n 
A 1 20 U 20 20 20 U URI A . n 
A 1 21 G 21 21 21 G GUA A . n 
A 1 22 G 22 22 22 G GUA A . n 
# 
_cell.entry_id           1K2G 
_cell.length_a           ? 
_cell.length_b           ? 
_cell.length_c           ? 
_cell.angle_alpha        ? 
_cell.angle_beta         ? 
_cell.angle_gamma        ? 
_cell.Z_PDB              1 
_cell.pdbx_unique_axis   ? 
# 
_exptl.entry_id          1K2G 
_exptl.method            'SOLUTION NMR' 
_exptl.crystals_number   ? 
# 
_exptl_crystal.id                    1 
_exptl_crystal.density_meas          ? 
_exptl_crystal.density_Matthews      ? 
_exptl_crystal.density_percent_sol   ? 
_exptl_crystal.description           ? 
# 
_diffrn.id                     1 
_diffrn.ambient_temp           ? 
_diffrn.ambient_temp_details   ? 
_diffrn.crystal_id             1 
# 
_diffrn_radiation.diffrn_id                        1 
_diffrn_radiation.wavelength_id                    1 
_diffrn_radiation.pdbx_monochromatic_or_laue_m_l   M 
_diffrn_radiation.monochromator                    ? 
_diffrn_radiation.pdbx_diffrn_protocol             'SINGLE WAVELENGTH' 
_diffrn_radiation.pdbx_scattering_type             ? 
# 
_diffrn_radiation_wavelength.id           1 
_diffrn_radiation_wavelength.wavelength   . 
_diffrn_radiation_wavelength.wt           1.0 
# 
_struct.entry_id                  1K2G 
_struct.title                     
;Structural basis for the 3'-terminal guanosine recognition by the group I intron
;
_struct.pdbx_model_details        ? 
_struct.pdbx_CASP_flag            ? 
_struct.pdbx_model_type_details   ? 
# 
_struct_keywords.entry_id        1K2G 
_struct_keywords.pdbx_keywords   RNA 
_struct_keywords.text            'base triple recognition of a guanosine, UUCG tetraloop, GAGA tetraloop, RNA' 
# 
_struct_asym.id                            A 
_struct_asym.pdbx_blank_PDB_chainid_flag   N 
_struct_asym.pdbx_modified                 N 
_struct_asym.entity_id                     1 
_struct_asym.details                       ? 
# 
_struct_ref.id                         1 
_struct_ref.entity_id                  1 
_struct_ref.db_name                    PDB 
_struct_ref.db_code                    1K2G 
_struct_ref.pdbx_db_accession          1K2G 
_struct_ref.pdbx_db_isoform            ? 
_struct_ref.pdbx_seq_one_letter_code   ? 
_struct_ref.pdbx_align_begin           ? 
# 
_struct_ref_seq.align_id                      1 
_struct_ref_seq.ref_id                        1 
_struct_ref_seq.pdbx_PDB_id_code              1K2G 
_struct_ref_seq.pdbx_strand_id                A 
_struct_ref_seq.seq_align_beg                 1 
_struct_ref_seq.pdbx_seq_align_beg_ins_code   ? 
_struct_ref_seq.seq_align_end                 22 
_struct_ref_seq.pdbx_seq_align_end_ins_code   ? 
_struct_ref_seq.pdbx_db_accession             1K2G 
_struct_ref_seq.db_align_beg                  1 
_struct_ref_seq.pdbx_db_align_beg_ins_code    ? 
_struct_ref_seq.db_align_end                  22 
_struct_ref_seq.pdbx_db_align_end_ins_code    ? 
_struct_ref_seq.pdbx_auth_seq_align_beg       1 
_struct_ref_seq.pdbx_auth_seq_align_end       22 
# 
_pdbx_struct_assembly.id                   1 
_pdbx_struct_assembly.details              author_defined_assembly 
_pdbx_struct_assembly.method_details       ? 
_pdbx_struct_assembly.oligomeric_details   monomeric 
_pdbx_struct_assembly.oligomeric_count     1 
# 
_pdbx_struct_assembly_gen.assembly_id       1 
_pdbx_struct_assembly_gen.oper_expression   1 
_pdbx_struct_assembly_gen.asym_id_list      A 
# 
_pdbx_struct_oper_list.id                   1 
_pdbx_struct_oper_list.type                 'identity operation' 
_pdbx_struct_oper_list.name                 1_555 
_pdbx_struct_oper_list.symmetry_operation   x,y,z 
_pdbx_struct_oper_list.matrix[1][1]         1.0000000000 
_pdbx_struct_oper_list.matrix[1][2]         0.0000000000 
_pdbx_struct_oper_list.matrix[1][3]         0.0000000000 
_pdbx_struct_oper_list.vector[1]            0.0000000000 
_pdbx_struct_oper_list.matrix[2][1]         0.0000000000 
_pdbx_struct_oper_list.matrix[2][2]         1.0000000000 
_pdbx_struct_oper_list.matrix[2][3]         0.0000000000 
_pdbx_struct_oper_list.vector[2]            0.0000000000 
_pdbx_struct_oper_list.matrix[3][1]         0.0000000000 
_pdbx_struct_oper_list.matrix[3][2]         0.0000000000 
_pdbx_struct_oper_list.matrix[3][3]         1.0000000000 
_pdbx_struct_oper_list.vector[3]            0.0000000000 
# 
_struct_biol.id   1 
# 
loop_
_struct_conn.id 
_struct_conn.conn_type_id 
_struct_conn.pdbx_leaving_atom_flag 
_struct_conn.pdbx_PDB_id 
_struct_conn.ptnr1_label_asym_id 
_struct_conn.ptnr1_label_comp_id 
_struct_conn.ptnr1_label_seq_id 
_struct_conn.ptnr1_label_atom_id 
_struct_conn.pdbx_ptnr1_label_alt_id 
_struct_conn.pdbx_ptnr1_PDB_ins_code 
_struct_conn.pdbx_ptnr1_standard_comp_id 
_struct_conn.ptnr1_symmetry 
_struct_conn.ptnr2_label_asym_id 
_struct_conn.ptnr2_label_comp_id 
_struct_conn.ptnr2_label_seq_id 
_struct_conn.ptnr2_label_atom_id 
_struct_conn.pdbx_ptnr2_label_alt_id 
_struct_conn.pdbx_ptnr2_PDB_ins_code 
_struct_conn.ptnr1_auth_asym_id 
_struct_conn.ptnr1_auth_comp_id 
_struct_conn.ptnr1_auth_seq_id 
_struct_conn.ptnr2_auth_asym_id 
_struct_conn.ptnr2_auth_comp_id 
_struct_conn.ptnr2_auth_seq_id 
_struct_conn.ptnr2_symmetry 
_struct_conn.pdbx_ptnr3_label_atom_id 
_struct_conn.pdbx_ptnr3_label_seq_id 
_struct_conn.pdbx_ptnr3_label_comp_id 
_struct_conn.pdbx_ptnr3_label_asym_id 
_struct_conn.pdbx_ptnr3_label_alt_id 
_struct_conn.pdbx_ptnr3_PDB_ins_code 
_struct_conn.details 
_struct_conn.pdbx_dist_value 
_struct_conn.pdbx_value_order 
_struct_conn.pdbx_role 
hydrog1  hydrog ? ? A C 1  N3 ? ? ? 1_555 A G 13 N1 ? ? A C 1  A G 13 1_555 ? ? ? ? ? ? WATSON-CRICK  ? ? ? 
hydrog2  hydrog ? ? A C 1  N4 ? ? ? 1_555 A G 13 O6 ? ? A C 1  A G 13 1_555 ? ? ? ? ? ? WATSON-CRICK  ? ? ? 
hydrog3  hydrog ? ? A C 1  O2 ? ? ? 1_555 A G 13 N2 ? ? A C 1  A G 13 1_555 ? ? ? ? ? ? WATSON-CRICK  ? ? ? 
hydrog4  hydrog ? ? A G 3  N1 ? ? ? 1_555 A C 12 N3 ? ? A G 3  A C 12 1_555 ? ? ? ? ? ? WATSON-CRICK  ? ? ? 
hydrog5  hydrog ? ? A G 3  N2 ? ? ? 1_555 A C 12 O2 ? ? A G 3  A C 12 1_555 ? ? ? ? ? ? WATSON-CRICK  ? ? ? 
hydrog6  hydrog ? ? A G 3  O6 ? ? ? 1_555 A C 12 N4 ? ? A G 3  A C 12 1_555 ? ? ? ? ? ? WATSON-CRICK  ? ? ? 
hydrog7  hydrog ? ? A G 3  N7 ? ? ? 1_555 A G 22 N2 ? ? A G 3  A G 22 1_555 ? ? ? ? ? ? TYPE_6_PAIR   ? ? ? 
hydrog8  hydrog ? ? A G 3  O6 ? ? ? 1_555 A G 22 N1 ? ? A G 3  A G 22 1_555 ? ? ? ? ? ? TYPE_6_PAIR   ? ? ? 
hydrog9  hydrog ? ? A A 4  N1 ? ? ? 1_555 A U 11 N3 ? ? A A 4  A U 11 1_555 ? ? ? ? ? ? WATSON-CRICK  ? ? ? 
hydrog10 hydrog ? ? A A 4  N6 ? ? ? 1_555 A U 11 O4 ? ? A A 4  A U 11 1_555 ? ? ? ? ? ? WATSON-CRICK  ? ? ? 
hydrog11 hydrog ? ? A C 5  N3 ? ? ? 1_555 A G 10 N1 ? ? A C 5  A G 10 1_555 ? ? ? ? ? ? WATSON-CRICK  ? ? ? 
hydrog12 hydrog ? ? A C 5  N4 ? ? ? 1_555 A G 10 O6 ? ? A C 5  A G 10 1_555 ? ? ? ? ? ? WATSON-CRICK  ? ? ? 
hydrog13 hydrog ? ? A C 5  O2 ? ? ? 1_555 A G 10 N2 ? ? A C 5  A G 10 1_555 ? ? ? ? ? ? WATSON-CRICK  ? ? ? 
hydrog14 hydrog ? ? A U 6  O2 ? ? ? 1_555 A G 9  N1 ? ? A U 6  A G 9  1_555 ? ? ? ? ? ? 'U-G MISPAIR' ? ? ? 
hydrog15 hydrog ? ? A U 6  N3 ? ? ? 1_555 A G 10 O6 ? ? A U 6  A G 10 1_555 ? ? ? ? ? ? TYPE_28_PAIR  ? ? ? 
hydrog16 hydrog ? ? A U 6  O2 ? ? ? 1_555 A G 10 N1 ? ? A U 6  A G 10 1_555 ? ? ? ? ? ? TYPE_28_PAIR  ? ? ? 
hydrog17 hydrog ? ? A C 8  O2 ? ? ? 1_555 A G 9  N1 ? ? A C 8  A G 9  1_555 ? ? ? ? ? ? 'C-G PAIR'    ? ? ? 
hydrog18 hydrog ? ? A C 12 N4 ? ? ? 1_555 A G 22 O6 ? ? A C 12 A G 22 1_555 ? ? ? ? ? ? 'C-G PAIR'    ? ? ? 
hydrog19 hydrog ? ? A C 14 N3 ? ? ? 1_555 A G 21 N1 ? ? A C 14 A G 21 1_555 ? ? ? ? ? ? WATSON-CRICK  ? ? ? 
hydrog20 hydrog ? ? A C 14 N4 ? ? ? 1_555 A G 21 O6 ? ? A C 14 A G 21 1_555 ? ? ? ? ? ? WATSON-CRICK  ? ? ? 
hydrog21 hydrog ? ? A C 14 O2 ? ? ? 1_555 A G 21 N2 ? ? A C 14 A G 21 1_555 ? ? ? ? ? ? WATSON-CRICK  ? ? ? 
hydrog22 hydrog ? ? A A 15 N1 ? ? ? 1_555 A U 20 N3 ? ? A A 15 A U 20 1_555 ? ? ? ? ? ? WATSON-CRICK  ? ? ? 
hydrog23 hydrog ? ? A A 15 N6 ? ? ? 1_555 A U 20 O4 ? ? A A 15 A U 20 1_555 ? ? ? ? ? ? WATSON-CRICK  ? ? ? 
hydrog24 hydrog ? ? A G 16 N2 ? ? ? 1_555 A A 19 N7 ? ? A G 16 A A 19 1_555 ? ? ? ? ? ? TYPE_11_PAIR  ? ? ? 
hydrog25 hydrog ? ? A G 16 N3 ? ? ? 1_555 A A 19 N6 ? ? A G 16 A A 19 1_555 ? ? ? ? ? ? TYPE_11_PAIR  ? ? ? 
# 
_struct_conn_type.id          hydrog 
_struct_conn_type.criteria    ? 
_struct_conn_type.reference   ? 
# 
loop_
_pdbx_validate_close_contact.id 
_pdbx_validate_close_contact.PDB_model_num 
_pdbx_validate_close_contact.auth_atom_id_1 
_pdbx_validate_close_contact.auth_asym_id_1 
_pdbx_validate_close_contact.auth_comp_id_1 
_pdbx_validate_close_contact.auth_seq_id_1 
_pdbx_validate_close_contact.PDB_ins_code_1 
_pdbx_validate_close_contact.label_alt_id_1 
_pdbx_validate_close_contact.auth_atom_id_2 
_pdbx_validate_close_contact.auth_asym_id_2 
_pdbx_validate_close_contact.auth_comp_id_2 
_pdbx_validate_close_contact.auth_seq_id_2 
_pdbx_validate_close_contact.PDB_ins_code_2 
_pdbx_validate_close_contact.label_alt_id_2 
_pdbx_validate_close_contact.dist 
1 1 "HO2'" A U 6  ? ? O6  A G 9  ? ? 1.55 
2 1 O2     A C 14 ? ? H21 A G 21 ? ? 1.58 
# 
loop_
_pdbx_validate_rmsd_angle.id 
_pdbx_validate_rmsd_angle.PDB_model_num 
_pdbx_validate_rmsd_angle.auth_atom_id_1 
_pdbx_validate_rmsd_angle.auth_asym_id_1 
_pdbx_validate_rmsd_angle.auth_comp_id_1 
_pdbx_validate_rmsd_angle.auth_seq_id_1 
_pdbx_validate_rmsd_angle.PDB_ins_code_1 
_pdbx_validate_rmsd_angle.label_alt_id_1 
_pdbx_validate_rmsd_angle.auth_atom_id_2 
_pdbx_validate_rmsd_angle.auth_asym_id_2 
_pdbx_validate_rmsd_angle.auth_comp_id_2 
_pdbx_validate_rmsd_angle.auth_seq_id_2 
_pdbx_validate_rmsd_angle.PDB_ins_code_2 
_pdbx_validate_rmsd_angle.label_alt_id_2 
_pdbx_validate_rmsd_angle.auth_atom_id_3 
_pdbx_validate_rmsd_angle.auth_asym_id_3 
_pdbx_validate_rmsd_angle.auth_comp_id_3 
_pdbx_validate_rmsd_angle.auth_seq_id_3 
_pdbx_validate_rmsd_angle.PDB_ins_code_3 
_pdbx_validate_rmsd_angle.label_alt_id_3 
_pdbx_validate_rmsd_angle.angle_value 
_pdbx_validate_rmsd_angle.angle_target_value 
_pdbx_validate_rmsd_angle.angle_deviation 
_pdbx_validate_rmsd_angle.angle_standard_deviation 
_pdbx_validate_rmsd_angle.linker_flag 
1  1 N7 A A 2  ? ? C8 A A 2  ? ? N9 A A 2  ? ? 117.54 113.80 3.74  0.50 N 
2  1 N7 A G 3  ? ? C8 A G 3  ? ? N9 A G 3  ? ? 117.65 113.10 4.55  0.50 N 
3  1 C8 A G 3  ? ? N9 A G 3  ? ? C4 A G 3  ? ? 103.72 106.40 -2.68 0.40 N 
4  1 N7 A A 4  ? ? C8 A A 4  ? ? N9 A A 4  ? ? 117.52 113.80 3.72  0.50 N 
5  1 N7 A G 9  ? ? C8 A G 9  ? ? N9 A G 9  ? ? 117.77 113.10 4.67  0.50 N 
6  1 C8 A G 9  ? ? N9 A G 9  ? ? C4 A G 9  ? ? 103.67 106.40 -2.73 0.40 N 
7  1 N7 A G 10 ? ? C8 A G 10 ? ? N9 A G 10 ? ? 117.56 113.10 4.46  0.50 N 
8  1 C8 A G 10 ? ? N9 A G 10 ? ? C4 A G 10 ? ? 103.80 106.40 -2.60 0.40 N 
9  1 N7 A G 13 ? ? C8 A G 13 ? ? N9 A G 13 ? ? 117.58 113.10 4.48  0.50 N 
10 1 C8 A G 13 ? ? N9 A G 13 ? ? C4 A G 13 ? ? 103.78 106.40 -2.62 0.40 N 
11 1 N7 A A 15 ? ? C8 A A 15 ? ? N9 A A 15 ? ? 117.55 113.80 3.75  0.50 N 
12 1 N7 A G 16 ? ? C8 A G 16 ? ? N9 A G 16 ? ? 117.71 113.10 4.61  0.50 N 
13 1 C8 A G 16 ? ? N9 A G 16 ? ? C4 A G 16 ? ? 103.71 106.40 -2.69 0.40 N 
14 1 N7 A A 17 ? ? C8 A A 17 ? ? N9 A A 17 ? ? 117.52 113.80 3.72  0.50 N 
15 1 N7 A G 18 ? ? C8 A G 18 ? ? N9 A G 18 ? ? 117.67 113.10 4.57  0.50 N 
16 1 C8 A G 18 ? ? N9 A G 18 ? ? C4 A G 18 ? ? 103.70 106.40 -2.70 0.40 N 
17 1 N7 A A 19 ? ? C8 A A 19 ? ? N9 A A 19 ? ? 117.63 113.80 3.83  0.50 N 
18 1 N7 A G 21 ? ? C8 A G 21 ? ? N9 A G 21 ? ? 117.59 113.10 4.49  0.50 N 
19 1 C8 A G 21 ? ? N9 A G 21 ? ? C4 A G 21 ? ? 103.79 106.40 -2.61 0.40 N 
20 1 N7 A G 22 ? ? C8 A G 22 ? ? N9 A G 22 ? ? 117.70 113.10 4.60  0.50 N 
21 1 C8 A G 22 ? ? N9 A G 22 ? ? C4 A G 22 ? ? 103.95 106.40 -2.45 0.40 N 
# 
_pdbx_nmr_ensemble.entry_id                             1K2G 
_pdbx_nmr_ensemble.conformers_calculated_total_number   ? 
_pdbx_nmr_ensemble.conformers_submitted_total_number    1 
_pdbx_nmr_ensemble.conformer_selection_criteria         ? 
# 
_pdbx_nmr_representative.entry_id             1K2G 
_pdbx_nmr_representative.conformer_id         ? 
_pdbx_nmr_representative.selection_criteria   'lowest energy' 
# 
loop_
_pdbx_nmr_sample_details.solution_id 
_pdbx_nmr_sample_details.contents 
_pdbx_nmr_sample_details.solvent_system 
1 '10mM Phosphate buffer NA, 99% D2O'         '99% D2O'         
2 '10mM Phospate buffer NA, 90% H2O, 10% D2O' '90% H2O/10% D2O' 
# 
loop_
_pdbx_nmr_exptl_sample_conditions.conditions_id 
_pdbx_nmr_exptl_sample_conditions.temperature 
_pdbx_nmr_exptl_sample_conditions.pressure 
_pdbx_nmr_exptl_sample_conditions.pH 
_pdbx_nmr_exptl_sample_conditions.ionic_strength 
_pdbx_nmr_exptl_sample_conditions.pressure_units 
_pdbx_nmr_exptl_sample_conditions.temperature_units 
1 283 ambient 5.5 100mM ? K 
2 278 ambient 5.5 100mM ? K 
# 
loop_
_pdbx_nmr_exptl.experiment_id 
_pdbx_nmr_exptl.solution_id 
_pdbx_nmr_exptl.conditions_id 
_pdbx_nmr_exptl.type 
1 1 1 '2D NOESY' 
2 1 1 DQF-COSY   
3 1 2 '2D NOESY' 
# 
_pdbx_nmr_details.entry_id   1K2G 
_pdbx_nmr_details.text       'This structure was determined using standard 2D homonuclear techniques' 
# 
_pdbx_nmr_refine.entry_id           1K2G 
_pdbx_nmr_refine.method             
;simulated annealing 
molecular dynamics
;
_pdbx_nmr_refine.details            ? 
_pdbx_nmr_refine.software_ordinal   1 
# 
loop_
_pdbx_nmr_software.name 
_pdbx_nmr_software.version 
_pdbx_nmr_software.classification 
_pdbx_nmr_software.authors 
_pdbx_nmr_software.ordinal 
X-PLOR 3.8 'structure solution' Brunger 1 
Felix  950 'data analysis'      ?       2 
X-PLOR 3.8 refinement           Brunger 3 
# 
loop_
_chem_comp_atom.comp_id 
_chem_comp_atom.atom_id 
_chem_comp_atom.type_symbol 
_chem_comp_atom.pdbx_aromatic_flag 
_chem_comp_atom.pdbx_stereo_config 
_chem_comp_atom.pdbx_ordinal 
A OP3    O N N 1   
A P      P N N 2   
A OP1    O N N 3   
A OP2    O N N 4   
A "O5'"  O N N 5   
A "C5'"  C N N 6   
A "C4'"  C N R 7   
A "O4'"  O N N 8   
A "C3'"  C N S 9   
A "O3'"  O N N 10  
A "C2'"  C N R 11  
A "O2'"  O N N 12  
A "C1'"  C N R 13  
A N9     N Y N 14  
A C8     C Y N 15  
A N7     N Y N 16  
A C5     C Y N 17  
A C6     C Y N 18  
A N6     N N N 19  
A N1     N Y N 20  
A C2     C Y N 21  
A N3     N Y N 22  
A C4     C Y N 23  
A HOP3   H N N 24  
A HOP2   H N N 25  
A "H5'"  H N N 26  
A "H5''" H N N 27  
A "H4'"  H N N 28  
A "H3'"  H N N 29  
A "HO3'" H N N 30  
A "H2'"  H N N 31  
A "HO2'" H N N 32  
A "H1'"  H N N 33  
A H8     H N N 34  
A H61    H N N 35  
A H62    H N N 36  
A H2     H N N 37  
C OP3    O N N 38  
C P      P N N 39  
C OP1    O N N 40  
C OP2    O N N 41  
C "O5'"  O N N 42  
C "C5'"  C N N 43  
C "C4'"  C N R 44  
C "O4'"  O N N 45  
C "C3'"  C N S 46  
C "O3'"  O N N 47  
C "C2'"  C N R 48  
C "O2'"  O N N 49  
C "C1'"  C N R 50  
C N1     N N N 51  
C C2     C N N 52  
C O2     O N N 53  
C N3     N N N 54  
C C4     C N N 55  
C N4     N N N 56  
C C5     C N N 57  
C C6     C N N 58  
C HOP3   H N N 59  
C HOP2   H N N 60  
C "H5'"  H N N 61  
C "H5''" H N N 62  
C "H4'"  H N N 63  
C "H3'"  H N N 64  
C "HO3'" H N N 65  
C "H2'"  H N N 66  
C "HO2'" H N N 67  
C "H1'"  H N N 68  
C H41    H N N 69  
C H42    H N N 70  
C H5     H N N 71  
C H6     H N N 72  
G OP3    O N N 73  
G P      P N N 74  
G OP1    O N N 75  
G OP2    O N N 76  
G "O5'"  O N N 77  
G "C5'"  C N N 78  
G "C4'"  C N R 79  
G "O4'"  O N N 80  
G "C3'"  C N S 81  
G "O3'"  O N N 82  
G "C2'"  C N R 83  
G "O2'"  O N N 84  
G "C1'"  C N R 85  
G N9     N Y N 86  
G C8     C Y N 87  
G N7     N Y N 88  
G C5     C Y N 89  
G C6     C N N 90  
G O6     O N N 91  
G N1     N N N 92  
G C2     C N N 93  
G N2     N N N 94  
G N3     N N N 95  
G C4     C Y N 96  
G HOP3   H N N 97  
G HOP2   H N N 98  
G "H5'"  H N N 99  
G "H5''" H N N 100 
G "H4'"  H N N 101 
G "H3'"  H N N 102 
G "HO3'" H N N 103 
G "H2'"  H N N 104 
G "HO2'" H N N 105 
G "H1'"  H N N 106 
G H8     H N N 107 
G H1     H N N 108 
G H21    H N N 109 
G H22    H N N 110 
U OP3    O N N 111 
U P      P N N 112 
U OP1    O N N 113 
U OP2    O N N 114 
U "O5'"  O N N 115 
U "C5'"  C N N 116 
U "C4'"  C N R 117 
U "O4'"  O N N 118 
U "C3'"  C N S 119 
U "O3'"  O N N 120 
U "C2'"  C N R 121 
U "O2'"  O N N 122 
U "C1'"  C N R 123 
U N1     N N N 124 
U C2     C N N 125 
U O2     O N N 126 
U N3     N N N 127 
U C4     C N N 128 
U O4     O N N 129 
U C5     C N N 130 
U C6     C N N 131 
U HOP3   H N N 132 
U HOP2   H N N 133 
U "H5'"  H N N 134 
U "H5''" H N N 135 
U "H4'"  H N N 136 
U "H3'"  H N N 137 
U "HO3'" H N N 138 
U "H2'"  H N N 139 
U "HO2'" H N N 140 
U "H1'"  H N N 141 
U H3     H N N 142 
U H5     H N N 143 
U H6     H N N 144 
# 
loop_
_chem_comp_bond.comp_id 
_chem_comp_bond.atom_id_1 
_chem_comp_bond.atom_id_2 
_chem_comp_bond.value_order 
_chem_comp_bond.pdbx_aromatic_flag 
_chem_comp_bond.pdbx_stereo_config 
_chem_comp_bond.pdbx_ordinal 
A OP3   P      sing N N 1   
A OP3   HOP3   sing N N 2   
A P     OP1    doub N N 3   
A P     OP2    sing N N 4   
A P     "O5'"  sing N N 5   
A OP2   HOP2   sing N N 6   
A "O5'" "C5'"  sing N N 7   
A "C5'" "C4'"  sing N N 8   
A "C5'" "H5'"  sing N N 9   
A "C5'" "H5''" sing N N 10  
A "C4'" "O4'"  sing N N 11  
A "C4'" "C3'"  sing N N 12  
A "C4'" "H4'"  sing N N 13  
A "O4'" "C1'"  sing N N 14  
A "C3'" "O3'"  sing N N 15  
A "C3'" "C2'"  sing N N 16  
A "C3'" "H3'"  sing N N 17  
A "O3'" "HO3'" sing N N 18  
A "C2'" "O2'"  sing N N 19  
A "C2'" "C1'"  sing N N 20  
A "C2'" "H2'"  sing N N 21  
A "O2'" "HO2'" sing N N 22  
A "C1'" N9     sing N N 23  
A "C1'" "H1'"  sing N N 24  
A N9    C8     sing Y N 25  
A N9    C4     sing Y N 26  
A C8    N7     doub Y N 27  
A C8    H8     sing N N 28  
A N7    C5     sing Y N 29  
A C5    C6     sing Y N 30  
A C5    C4     doub Y N 31  
A C6    N6     sing N N 32  
A C6    N1     doub Y N 33  
A N6    H61    sing N N 34  
A N6    H62    sing N N 35  
A N1    C2     sing Y N 36  
A C2    N3     doub Y N 37  
A C2    H2     sing N N 38  
A N3    C4     sing Y N 39  
C OP3   P      sing N N 40  
C OP3   HOP3   sing N N 41  
C P     OP1    doub N N 42  
C P     OP2    sing N N 43  
C P     "O5'"  sing N N 44  
C OP2   HOP2   sing N N 45  
C "O5'" "C5'"  sing N N 46  
C "C5'" "C4'"  sing N N 47  
C "C5'" "H5'"  sing N N 48  
C "C5'" "H5''" sing N N 49  
C "C4'" "O4'"  sing N N 50  
C "C4'" "C3'"  sing N N 51  
C "C4'" "H4'"  sing N N 52  
C "O4'" "C1'"  sing N N 53  
C "C3'" "O3'"  sing N N 54  
C "C3'" "C2'"  sing N N 55  
C "C3'" "H3'"  sing N N 56  
C "O3'" "HO3'" sing N N 57  
C "C2'" "O2'"  sing N N 58  
C "C2'" "C1'"  sing N N 59  
C "C2'" "H2'"  sing N N 60  
C "O2'" "HO2'" sing N N 61  
C "C1'" N1     sing N N 62  
C "C1'" "H1'"  sing N N 63  
C N1    C2     sing N N 64  
C N1    C6     sing N N 65  
C C2    O2     doub N N 66  
C C2    N3     sing N N 67  
C N3    C4     doub N N 68  
C C4    N4     sing N N 69  
C C4    C5     sing N N 70  
C N4    H41    sing N N 71  
C N4    H42    sing N N 72  
C C5    C6     doub N N 73  
C C5    H5     sing N N 74  
C C6    H6     sing N N 75  
G OP3   P      sing N N 76  
G OP3   HOP3   sing N N 77  
G P     OP1    doub N N 78  
G P     OP2    sing N N 79  
G P     "O5'"  sing N N 80  
G OP2   HOP2   sing N N 81  
G "O5'" "C5'"  sing N N 82  
G "C5'" "C4'"  sing N N 83  
G "C5'" "H5'"  sing N N 84  
G "C5'" "H5''" sing N N 85  
G "C4'" "O4'"  sing N N 86  
G "C4'" "C3'"  sing N N 87  
G "C4'" "H4'"  sing N N 88  
G "O4'" "C1'"  sing N N 89  
G "C3'" "O3'"  sing N N 90  
G "C3'" "C2'"  sing N N 91  
G "C3'" "H3'"  sing N N 92  
G "O3'" "HO3'" sing N N 93  
G "C2'" "O2'"  sing N N 94  
G "C2'" "C1'"  sing N N 95  
G "C2'" "H2'"  sing N N 96  
G "O2'" "HO2'" sing N N 97  
G "C1'" N9     sing N N 98  
G "C1'" "H1'"  sing N N 99  
G N9    C8     sing Y N 100 
G N9    C4     sing Y N 101 
G C8    N7     doub Y N 102 
G C8    H8     sing N N 103 
G N7    C5     sing Y N 104 
G C5    C6     sing N N 105 
G C5    C4     doub Y N 106 
G C6    O6     doub N N 107 
G C6    N1     sing N N 108 
G N1    C2     sing N N 109 
G N1    H1     sing N N 110 
G C2    N2     sing N N 111 
G C2    N3     doub N N 112 
G N2    H21    sing N N 113 
G N2    H22    sing N N 114 
G N3    C4     sing N N 115 
U OP3   P      sing N N 116 
U OP3   HOP3   sing N N 117 
U P     OP1    doub N N 118 
U P     OP2    sing N N 119 
U P     "O5'"  sing N N 120 
U OP2   HOP2   sing N N 121 
U "O5'" "C5'"  sing N N 122 
U "C5'" "C4'"  sing N N 123 
U "C5'" "H5'"  sing N N 124 
U "C5'" "H5''" sing N N 125 
U "C4'" "O4'"  sing N N 126 
U "C4'" "C3'"  sing N N 127 
U "C4'" "H4'"  sing N N 128 
U "O4'" "C1'"  sing N N 129 
U "C3'" "O3'"  sing N N 130 
U "C3'" "C2'"  sing N N 131 
U "C3'" "H3'"  sing N N 132 
U "O3'" "HO3'" sing N N 133 
U "C2'" "O2'"  sing N N 134 
U "C2'" "C1'"  sing N N 135 
U "C2'" "H2'"  sing N N 136 
U "O2'" "HO2'" sing N N 137 
U "C1'" N1     sing N N 138 
U "C1'" "H1'"  sing N N 139 
U N1    C2     sing N N 140 
U N1    C6     sing N N 141 
U C2    O2     doub N N 142 
U C2    N3     sing N N 143 
U N3    C4     sing N N 144 
U N3    H3     sing N N 145 
U C4    O4     doub N N 146 
U C4    C5     sing N N 147 
U C5    C6     doub N N 148 
U C5    H5     sing N N 149 
U C6    H6     sing N N 150 
# 
loop_
_ndb_struct_conf_na.entry_id 
_ndb_struct_conf_na.feature 
1K2G 'double helix'         
1K2G 'a-form double helix'  
1K2G tetraloop              
1K2G 'mismatched base pair' 
1K2G 'triple helix'         
# 
loop_
_ndb_struct_na_base_pair.model_number 
_ndb_struct_na_base_pair.i_label_asym_id 
_ndb_struct_na_base_pair.i_label_comp_id 
_ndb_struct_na_base_pair.i_label_seq_id 
_ndb_struct_na_base_pair.i_symmetry 
_ndb_struct_na_base_pair.j_label_asym_id 
_ndb_struct_na_base_pair.j_label_comp_id 
_ndb_struct_na_base_pair.j_label_seq_id 
_ndb_struct_na_base_pair.j_symmetry 
_ndb_struct_na_base_pair.shear 
_ndb_struct_na_base_pair.stretch 
_ndb_struct_na_base_pair.stagger 
_ndb_struct_na_base_pair.buckle 
_ndb_struct_na_base_pair.propeller 
_ndb_struct_na_base_pair.opening 
_ndb_struct_na_base_pair.pair_number 
_ndb_struct_na_base_pair.pair_name 
_ndb_struct_na_base_pair.i_auth_asym_id 
_ndb_struct_na_base_pair.i_auth_seq_id 
_ndb_struct_na_base_pair.i_PDB_ins_code 
_ndb_struct_na_base_pair.j_auth_asym_id 
_ndb_struct_na_base_pair.j_auth_seq_id 
_ndb_struct_na_base_pair.j_PDB_ins_code 
_ndb_struct_na_base_pair.hbond_type_28 
_ndb_struct_na_base_pair.hbond_type_12 
1 A G 9  1_555 A U 6  1_555 -1.834 4.362  0.585  1.514  5.036   83.904  1 A_G9:U6_A   A 9  ? A 6  ? ?  ?  
1 A G 10 1_555 A C 5  1_555 -0.748 -0.494 -0.291 0.800  3.196   -1.888  2 A_G10:C5_A  A 10 ? A 5  ? 19 1  
1 A U 11 1_555 A A 4  1_555 0.023  -0.368 -0.710 11.072 -10.532 4.724   3 A_U11:A4_A  A 11 ? A 4  ? 20 1  
1 A C 12 1_555 A G 3  1_555 0.525  -0.403 -0.320 3.825  -6.797  0.442   4 A_C12:G3_A  A 12 ? A 3  ? 19 1  
1 A G 13 1_555 A C 1  1_555 -0.866 -0.305 0.053  -9.106 19.472  9.972   5 A_G13:C1_A  A 13 ? A 1  ? 19 1  
1 A C 14 1_555 A G 21 1_555 0.344  -0.353 -0.690 25.009 -10.867 0.255   6 A_C14:G21_A A 14 ? A 21 ? 19 1  
1 A A 15 1_555 A U 20 1_555 0.480  -0.003 -0.226 12.472 8.649   -5.303  7 A_A15:U20_A A 15 ? A 20 ? 20 1  
1 A G 16 1_555 A A 19 1_555 6.293  -4.893 -1.260 14.904 11.650  -17.847 8 A_G16:A19_A A 16 ? A 19 ? 11 10 
# 
loop_
_ndb_struct_na_base_pair_step.model_number 
_ndb_struct_na_base_pair_step.i_label_asym_id_1 
_ndb_struct_na_base_pair_step.i_label_comp_id_1 
_ndb_struct_na_base_pair_step.i_label_seq_id_1 
_ndb_struct_na_base_pair_step.i_symmetry_1 
_ndb_struct_na_base_pair_step.j_label_asym_id_1 
_ndb_struct_na_base_pair_step.j_label_comp_id_1 
_ndb_struct_na_base_pair_step.j_label_seq_id_1 
_ndb_struct_na_base_pair_step.j_symmetry_1 
_ndb_struct_na_base_pair_step.i_label_asym_id_2 
_ndb_struct_na_base_pair_step.i_label_comp_id_2 
_ndb_struct_na_base_pair_step.i_label_seq_id_2 
_ndb_struct_na_base_pair_step.i_symmetry_2 
_ndb_struct_na_base_pair_step.j_label_asym_id_2 
_ndb_struct_na_base_pair_step.j_label_comp_id_2 
_ndb_struct_na_base_pair_step.j_label_seq_id_2 
_ndb_struct_na_base_pair_step.j_symmetry_2 
_ndb_struct_na_base_pair_step.shift 
_ndb_struct_na_base_pair_step.slide 
_ndb_struct_na_base_pair_step.rise 
_ndb_struct_na_base_pair_step.tilt 
_ndb_struct_na_base_pair_step.roll 
_ndb_struct_na_base_pair_step.twist 
_ndb_struct_na_base_pair_step.x_displacement 
_ndb_struct_na_base_pair_step.y_displacement 
_ndb_struct_na_base_pair_step.helical_rise 
_ndb_struct_na_base_pair_step.inclination 
_ndb_struct_na_base_pair_step.tip 
_ndb_struct_na_base_pair_step.helical_twist 
_ndb_struct_na_base_pair_step.step_number 
_ndb_struct_na_base_pair_step.step_name 
_ndb_struct_na_base_pair_step.i_auth_asym_id_1 
_ndb_struct_na_base_pair_step.i_auth_seq_id_1 
_ndb_struct_na_base_pair_step.i_PDB_ins_code_1 
_ndb_struct_na_base_pair_step.j_auth_asym_id_1 
_ndb_struct_na_base_pair_step.j_auth_seq_id_1 
_ndb_struct_na_base_pair_step.j_PDB_ins_code_1 
_ndb_struct_na_base_pair_step.i_auth_asym_id_2 
_ndb_struct_na_base_pair_step.i_auth_seq_id_2 
_ndb_struct_na_base_pair_step.i_PDB_ins_code_2 
_ndb_struct_na_base_pair_step.j_auth_asym_id_2 
_ndb_struct_na_base_pair_step.j_auth_seq_id_2 
_ndb_struct_na_base_pair_step.j_PDB_ins_code_2 
1 A G 9  1_555 A U 6  1_555 A G 10 1_555 A C 5  1_555 -1.462 -2.876 -1.344 117.030 -116.724 30.338 -1.649  0.536  0.606  -62.190 
-62.353 165.805 1 AA_G9G10:C5U6_AA    A 9  ? A 6  ? A 10 ? A 5  ? 
1 A G 10 1_555 A C 5  1_555 A U 11 1_555 A A 4  1_555 -0.514 -2.324 3.005  0.860   2.215    34.770 -4.182  0.975  2.843  3.700   
-1.437  34.848  2 AA_G10U11:A4C5_AA   A 10 ? A 5  ? A 11 ? A 4  ? 
1 A U 11 1_555 A A 4  1_555 A C 12 1_555 A G 3  1_555 1.295  -2.266 3.574  5.243   6.767    35.288 -4.641  -1.302 3.251  10.965  
-8.495  36.280  3 AA_U11C12:G3A4_AA   A 11 ? A 4  ? A 12 ? A 3  ? 
1 A C 12 1_555 A G 3  1_555 A G 13 1_555 A C 1  1_555 2.953  -1.103 3.800  -6.399  16.725   46.182 -2.637  -4.040 2.855  20.441  
7.821   49.355  4 AA_C12G13:C1G3_AA   A 12 ? A 3  ? A 13 ? A 1  ? 
1 A G 13 1_555 A C 1  1_555 A C 14 1_555 A G 21 1_555 1.632  -1.307 2.878  3.831   2.552    48.163 -1.771  -1.727 2.923  3.119   
-4.682  48.369  5 AA_G13C14:G21C1_AA  A 13 ? A 1  ? A 14 ? A 21 ? 
1 A C 14 1_555 A G 21 1_555 A A 15 1_555 A U 20 1_555 -0.290 -2.385 3.920  -3.906  17.029   9.100  -13.424 -0.631 -0.182 61.106  
14.016  19.683  6 AA_C14A15:U20G21_AA A 14 ? A 21 ? A 15 ? A 20 ? 
1 A A 15 1_555 A U 20 1_555 A G 16 1_555 A A 19 1_555 -2.652 -1.297 3.901  1.464   7.944    58.046 -1.806  2.800  3.648  8.144   
-1.500  58.556  7 AA_A15G16:A19U20_AA A 15 ? A 20 ? A 16 ? A 19 ? 
# 
loop_
_pdbx_nmr_spectrometer.spectrometer_id 
_pdbx_nmr_spectrometer.type 
_pdbx_nmr_spectrometer.manufacturer 
_pdbx_nmr_spectrometer.model 
_pdbx_nmr_spectrometer.field_strength 
1 ? Bruker DRX 600 
2 ? Bruker DMX 750 
# 
_atom_sites.entry_id                    1K2G 
_atom_sites.fract_transf_matrix[1][1]   1.000000 
_atom_sites.fract_transf_matrix[1][2]   0.000000 
_atom_sites.fract_transf_matrix[1][3]   0.000000 
_atom_sites.fract_transf_matrix[2][1]   0.000000 
_atom_sites.fract_transf_matrix[2][2]   1.000000 
_atom_sites.fract_transf_matrix[2][3]   0.000000 
_atom_sites.fract_transf_matrix[3][1]   0.000000 
_atom_sites.fract_transf_matrix[3][2]   0.000000 
_atom_sites.fract_transf_matrix[3][3]   1.000000 
_atom_sites.fract_transf_vector[1]      0.00000 
_atom_sites.fract_transf_vector[2]      0.00000 
_atom_sites.fract_transf_vector[3]      0.00000 
# 
loop_
_atom_type.symbol 
C 
H 
N 
O 
P 
# 
loop_
_atom_site.group_PDB 
_atom_site.id 
_atom_site.type_symbol 
_atom_site.label_atom_id 
_atom_site.label_alt_id 
_atom_site.label_comp_id 
_atom_site.label_asym_id 
_atom_site.label_entity_id 
_atom_site.label_seq_id 
_atom_site.pdbx_PDB_ins_code 
_atom_site.Cartn_x 
_atom_site.Cartn_y 
_atom_site.Cartn_z 
_atom_site.occupancy 
_atom_site.B_iso_or_equiv 
_atom_site.pdbx_formal_charge 
_atom_site.auth_seq_id 
_atom_site.auth_comp_id 
_atom_site.auth_asym_id 
_atom_site.auth_atom_id 
_atom_site.pdbx_PDB_model_num 
ATOM 1   O "O5'"  . C A 1 1  ? 5.766   -0.676  6.358   1.00 3.52 ? 1  C A "O5'"  1 
ATOM 2   C "C5'"  . C A 1 1  ? 5.893   -0.198  7.701   1.00 2.86 ? 1  C A "C5'"  1 
ATOM 3   C "C4'"  . C A 1 1  ? 4.584   -0.349  8.477   1.00 2.74 ? 1  C A "C4'"  1 
ATOM 4   O "O4'"  . C A 1 1  ? 3.512   0.346   7.832   1.00 2.74 ? 1  C A "O4'"  1 
ATOM 5   C "C3'"  . C A 1 1  ? 4.133   -1.805  8.531   1.00 2.50 ? 1  C A "C3'"  1 
ATOM 6   O "O3'"  . C A 1 1  ? 3.366   -2.073  9.718   1.00 2.56 ? 1  C A "O3'"  1 
ATOM 7   C "C2'"  . C A 1 1  ? 3.293   -1.925  7.269   1.00 2.34 ? 1  C A "C2'"  1 
ATOM 8   O "O2'"  . C A 1 1  ? 2.342   -2.993  7.363   1.00 2.27 ? 1  C A "O2'"  1 
ATOM 9   C "C1'"  . C A 1 1  ? 2.600   -0.569  7.210   1.00 2.50 ? 1  C A "C1'"  1 
ATOM 10  N N1     . C A 1 1  ? 2.344   -0.102  5.830   1.00 2.49 ? 1  C A N1     1 
ATOM 11  C C2     . C A 1 1  ? 1.024   -0.013  5.417   1.00 2.48 ? 1  C A C2     1 
ATOM 12  O O2     . C A 1 1  ? 0.115   -0.327  6.178   1.00 2.51 ? 1  C A O2     1 
ATOM 13  N N3     . C A 1 1  ? 0.769   0.422   4.155   1.00 2.53 ? 1  C A N3     1 
ATOM 14  C C4     . C A 1 1  ? 1.766   0.754   3.329   1.00 2.58 ? 1  C A C4     1 
ATOM 15  N N4     . C A 1 1  ? 1.476   1.170   2.099   1.00 2.68 ? 1  C A N4     1 
ATOM 16  C C5     . C A 1 1  ? 3.130   0.663   3.745   1.00 2.63 ? 1  C A C5     1 
ATOM 17  C C6     . C A 1 1  ? 3.374   0.233   4.998   1.00 2.58 ? 1  C A C6     1 
ATOM 18  H "H5'"  . C A 1 1  ? 6.174   0.855   7.679   1.00 2.80 ? 1  C A "H5'"  1 
ATOM 19  H "H5''" . C A 1 1  ? 6.675   -0.766  8.207   1.00 3.08 ? 1  C A "H5''" 1 
ATOM 20  H "H4'"  . C A 1 1  ? 4.709   0.037   9.488   1.00 2.94 ? 1  C A "H4'"  1 
ATOM 21  H "H3'"  . C A 1 1  ? 5.002   -2.467  8.472   1.00 2.51 ? 1  C A "H3'"  1 
ATOM 22  H "H2'"  . C A 1 1  ? 3.942   -2.053  6.399   1.00 2.32 ? 1  C A "H2'"  1 
ATOM 23  H "HO2'" . C A 1 1  ? 2.837   -3.811  7.442   1.00 2.53 ? 1  C A "HO2'" 1 
ATOM 24  H "H1'"  . C A 1 1  ? 1.667   -0.604  7.772   1.00 2.57 ? 1  C A "H1'"  1 
ATOM 25  H H41    . C A 1 1  ? 0.512   1.234   1.803   1.00 2.71 ? 1  C A H41    1 
ATOM 26  H H42    . C A 1 1  ? 2.218   1.416   1.461   1.00 2.77 ? 1  C A H42    1 
ATOM 27  H H5     . C A 1 1  ? 3.945   0.933   3.073   1.00 2.76 ? 1  C A H5     1 
ATOM 28  H H6     . C A 1 1  ? 4.403   0.148   5.350   1.00 2.68 ? 1  C A H6     1 
ATOM 29  H "HO5'" . C A 1 1  ? 6.629   -0.597  5.940   1.00 3.88 ? 1  C A "HO5'" 1 
ATOM 30  P P      . A A 1 2  ? 3.359   -3.543  10.383  1.00 2.56 ? 2  A A P      1 
ATOM 31  O OP1    . A A 1 2  ? 2.949   -3.407  11.799  1.00 3.34 ? 2  A A OP1    1 
ATOM 32  O OP2    . A A 1 2  ? 4.640   -4.208  10.050  1.00 2.80 ? 2  A A OP2    1 
ATOM 33  O "O5'"  . A A 1 2  ? 2.173   -4.292  9.585   1.00 2.11 ? 2  A A "O5'"  1 
ATOM 34  C "C5'"  . A A 1 2  ? 2.171   -5.715  9.411   1.00 2.09 ? 2  A A "C5'"  1 
ATOM 35  C "C4'"  . A A 1 2  ? 1.840   -6.095  7.969   1.00 1.79 ? 2  A A "C4'"  1 
ATOM 36  O "O4'"  . A A 1 2  ? 2.864   -5.664  7.068   1.00 1.71 ? 2  A A "O4'"  1 
ATOM 37  C "C3'"  . A A 1 2  ? 1.778   -7.605  7.774   1.00 1.78 ? 2  A A "C3'"  1 
ATOM 38  O "O3'"  . A A 1 2  ? 0.949   -7.953  6.654   1.00 1.71 ? 2  A A "O3'"  1 
ATOM 39  C "C2'"  . A A 1 2  ? 3.233   -7.943  7.516   1.00 1.83 ? 2  A A "C2'"  1 
ATOM 40  O "O2'"  . A A 1 2  ? 3.365   -9.195  6.830   1.00 2.25 ? 2  A A "O2'"  1 
ATOM 41  C "C1'"  . A A 1 2  ? 3.677   -6.769  6.646   1.00 1.62 ? 2  A A "C1'"  1 
ATOM 42  N N9     . A A 1 2  ? 5.093   -6.403  6.834   1.00 1.69 ? 2  A A N9     1 
ATOM 43  C C8     . A A 1 2  ? 5.637   -5.269  7.342   1.00 1.97 ? 2  A A C8     1 
ATOM 44  N N7     . A A 1 2  ? 6.926   -5.201  7.405   1.00 2.23 ? 2  A A N7     1 
ATOM 45  C C5     . A A 1 2  ? 7.299   -6.441  6.876   1.00 2.09 ? 2  A A C5     1 
ATOM 46  C C6     . A A 1 2  ? 8.548   -7.041  6.648   1.00 2.39 ? 2  A A C6     1 
ATOM 47  N N6     . A A 1 2  ? 9.704   -6.453  6.941   1.00 2.77 ? 2  A A N6     1 
ATOM 48  N N1     . A A 1 2  ? 8.554   -8.272  6.111   1.00 2.47 ? 2  A A N1     1 
ATOM 49  C C2     . A A 1 2  ? 7.397   -8.862  5.823   1.00 2.35 ? 2  A A C2     1 
ATOM 50  N N3     . A A 1 2  ? 6.164   -8.412  5.987   1.00 2.04 ? 2  A A N3     1 
ATOM 51  C C4     . A A 1 2  ? 6.186   -7.177  6.525   1.00 1.84 ? 2  A A C4     1 
ATOM 52  H "H5'"  . A A 1 2  ? 1.424   -6.153  10.074  1.00 2.50 ? 2  A A "H5'"  1 
ATOM 53  H "H5''" . A A 1 2  ? 3.154   -6.113  9.670   1.00 2.19 ? 2  A A "H5''" 1 
ATOM 54  H "H4'"  . A A 1 2  ? 0.893   -5.646  7.680   1.00 1.83 ? 2  A A "H4'"  1 
ATOM 55  H "H3'"  . A A 1 2  ? 1.428   -8.091  8.689   1.00 2.14 ? 2  A A "H3'"  1 
ATOM 56  H "H2'"  . A A 1 2  ? 3.790   -7.948  8.456   1.00 2.25 ? 2  A A "H2'"  1 
ATOM 57  H "HO2'" . A A 1 2  ? 2.674   -9.226  6.162   1.00 2.40 ? 2  A A "HO2'" 1 
ATOM 58  H "H1'"  . A A 1 2  ? 3.485   -6.991  5.597   1.00 1.78 ? 2  A A "H1'"  1 
ATOM 59  H H8     . A A 1 2  ? 5.010   -4.446  7.685   1.00 2.14 ? 2  A A H8     1 
ATOM 60  H H61    . A A 1 2  ? 10.572  -6.932  6.755   1.00 3.01 ? 2  A A H61    1 
ATOM 61  H H62    . A A 1 2  ? 9.711   -5.530  7.348   1.00 2.92 ? 2  A A H62    1 
ATOM 62  H H2     . A A 1 2  ? 7.477   -9.860  5.392   1.00 2.67 ? 2  A A H2     1 
ATOM 63  P P      . G A 1 3  ? -0.622  -8.256  6.851   1.00 1.94 ? 3  G A P      1 
ATOM 64  O OP1    . G A 1 3  ? -0.778  -9.699  7.141   1.00 2.67 ? 3  G A OP1    1 
ATOM 65  O OP2    . G A 1 3  ? -1.354  -7.646  5.716   1.00 2.05 ? 3  G A OP2    1 
ATOM 66  O "O5'"  . G A 1 3  ? -0.976  -7.424  8.187   1.00 2.04 ? 3  G A "O5'"  1 
ATOM 67  C "C5'"  . G A 1 3  ? -1.491  -8.077  9.356   1.00 2.21 ? 3  G A "C5'"  1 
ATOM 68  C "C4'"  . G A 1 3  ? -2.945  -7.691  9.623   1.00 2.21 ? 3  G A "C4'"  1 
ATOM 69  O "O4'"  . G A 1 3  ? -3.084  -6.275  9.820   1.00 2.33 ? 3  G A "O4'"  1 
ATOM 70  C "C3'"  . G A 1 3  ? -3.833  -8.017  8.421   1.00 1.94 ? 3  G A "C3'"  1 
ATOM 71  O "O3'"  . G A 1 3  ? -4.415  -9.324  8.532   1.00 1.99 ? 3  G A "O3'"  1 
ATOM 72  C "C2'"  . G A 1 3  ? -4.883  -6.922  8.500   1.00 2.01 ? 3  G A "C2'"  1 
ATOM 73  O "O2'"  . G A 1 3  ? -5.883  -7.216  9.485   1.00 2.23 ? 3  G A "O2'"  1 
ATOM 74  C "C1'"  . G A 1 3  ? -4.032  -5.728  8.898   1.00 2.21 ? 3  G A "C1'"  1 
ATOM 75  N N9     . G A 1 3  ? -3.288  -5.128  7.773   1.00 2.07 ? 3  G A N9     1 
ATOM 76  C C8     . G A 1 3  ? -1.960  -4.885  7.651   1.00 2.06 ? 3  G A C8     1 
ATOM 77  N N7     . G A 1 3  ? -1.545  -4.373  6.543   1.00 2.02 ? 3  G A N7     1 
ATOM 78  C C5     . G A 1 3  ? -2.735  -4.254  5.821   1.00 2.00 ? 3  G A C5     1 
ATOM 79  C C6     . G A 1 3  ? -2.956  -3.753  4.511   1.00 2.06 ? 3  G A C6     1 
ATOM 80  O O6     . G A 1 3  ? -2.131  -3.320  3.710   1.00 2.14 ? 3  G A O6     1 
ATOM 81  N N1     . G A 1 3  ? -4.298  -3.806  4.169   1.00 2.09 ? 3  G A N1     1 
ATOM 82  C C2     . G A 1 3  ? -5.305  -4.280  4.977   1.00 2.07 ? 3  G A C2     1 
ATOM 83  N N2     . G A 1 3  ? -6.529  -4.252  4.468   1.00 2.15 ? 3  G A N2     1 
ATOM 84  N N3     . G A 1 3  ? -5.110  -4.752  6.209   1.00 2.05 ? 3  G A N3     1 
ATOM 85  C C4     . G A 1 3  ? -3.808  -4.711  6.568   1.00 2.02 ? 3  G A C4     1 
ATOM 86  H "H5'"  . G A 1 3  ? -0.885  -7.794  10.217  1.00 2.43 ? 3  G A "H5'"  1 
ATOM 87  H "H5''" . G A 1 3  ? -1.429  -9.158  9.219   1.00 2.20 ? 3  G A "H5''" 1 
ATOM 88  H "H4'"  . G A 1 3  ? -3.310  -8.218  10.504  1.00 2.40 ? 3  G A "H4'"  1 
ATOM 89  H "H3'"  . G A 1 3  ? -3.262  -7.915  7.493   1.00 1.75 ? 3  G A "H3'"  1 
ATOM 90  H "H2'"  . G A 1 3  ? -5.334  -6.753  7.517   1.00 1.85 ? 3  G A "H2'"  1 
ATOM 91  H "HO2'" . G A 1 3  ? -6.245  -8.079  9.271   1.00 2.21 ? 3  G A "HO2'" 1 
ATOM 92  H "H1'"  . G A 1 3  ? -4.644  -4.975  9.393   1.00 2.44 ? 3  G A "H1'"  1 
ATOM 93  H H8     . G A 1 3  ? -1.266  -5.118  8.460   1.00 2.14 ? 3  G A H8     1 
ATOM 94  H H1     . G A 1 3  ? -4.531  -3.465  3.249   1.00 2.18 ? 3  G A H1     1 
ATOM 95  H H21    . G A 1 3  ? -6.681  -3.896  3.535   1.00 2.22 ? 3  G A H21    1 
ATOM 96  H H22    . G A 1 3  ? -7.308  -4.589  5.015   1.00 2.18 ? 3  G A H22    1 
ATOM 97  P P      . A A 1 4  ? -4.672  -10.222 7.220   1.00 1.79 ? 4  A A P      1 
ATOM 98  O OP1    . A A 1 4  ? -5.155  -11.552 7.658   1.00 2.20 ? 4  A A OP1    1 
ATOM 99  O OP2    . A A 1 4  ? -3.485  -10.120 6.342   1.00 2.23 ? 4  A A OP2    1 
ATOM 100 O "O5'"  . A A 1 4  ? -5.892  -9.451  6.503   1.00 1.65 ? 4  A A "O5'"  1 
ATOM 101 C "C5'"  . A A 1 4  ? -7.243  -9.625  6.955   1.00 1.81 ? 4  A A "C5'"  1 
ATOM 102 C "C4'"  . A A 1 4  ? -8.246  -9.282  5.858   1.00 1.63 ? 4  A A "C4'"  1 
ATOM 103 O "O4'"  . A A 1 4  ? -8.129  -7.913  5.448   1.00 1.65 ? 4  A A "O4'"  1 
ATOM 104 C "C3'"  . A A 1 4  ? -7.976  -10.093 4.597   1.00 1.41 ? 4  A A "C3'"  1 
ATOM 105 O "O3'"  . A A 1 4  ? -8.656  -11.357 4.625   1.00 1.57 ? 4  A A "O3'"  1 
ATOM 106 C "C2'"  . A A 1 4  ? -8.524  -9.179  3.516   1.00 1.33 ? 4  A A "C2'"  1 
ATOM 107 O "O2'"  . A A 1 4  ? -9.951  -9.277  3.417   1.00 1.48 ? 4  A A "O2'"  1 
ATOM 108 C "C1'"  . A A 1 4  ? -8.090  -7.809  4.019   1.00 1.47 ? 4  A A "C1'"  1 
ATOM 109 N N9     . A A 1 4  ? -6.718  -7.434  3.617   1.00 1.39 ? 4  A A N9     1 
ATOM 110 C C8     . A A 1 4  ? -5.574  -7.420  4.346   1.00 1.42 ? 4  A A C8     1 
ATOM 111 N N7     . A A 1 4  ? -4.493  -7.030  3.754   1.00 1.42 ? 4  A A N7     1 
ATOM 112 C C5     . A A 1 4  ? -4.964  -6.747  2.467   1.00 1.40 ? 4  A A C5     1 
ATOM 113 C C6     . A A 1 4  ? -4.330  -6.280  1.304   1.00 1.51 ? 4  A A C6     1 
ATOM 114 N N6     . A A 1 4  ? -3.031  -6.000  1.242   1.00 1.59 ? 4  A A N6     1 
ATOM 115 N N1     . A A 1 4  ? -5.091  -6.114  0.210   1.00 1.64 ? 4  A A N1     1 
ATOM 116 C C2     . A A 1 4  ? -6.391  -6.392  0.272   1.00 1.65 ? 4  A A C2     1 
ATOM 117 N N3     . A A 1 4  ? -7.105  -6.833  1.295   1.00 1.53 ? 4  A A N3     1 
ATOM 118 C C4     . A A 1 4  ? -6.319  -6.992  2.378   1.00 1.41 ? 4  A A C4     1 
ATOM 119 H "H5'"  . A A 1 4  ? -7.418  -8.977  7.814   1.00 2.04 ? 4  A A "H5'"  1 
ATOM 120 H "H5''" . A A 1 4  ? -7.387  -10.663 7.256   1.00 1.94 ? 4  A A "H5''" 1 
ATOM 121 H "H4'"  . A A 1 4  ? -9.260  -9.471  6.209   1.00 1.77 ? 4  A A "H4'"  1 
ATOM 122 H "H3'"  . A A 1 4  ? -6.898  -10.227 4.460   1.00 1.34 ? 4  A A "H3'"  1 
ATOM 123 H "H2'"  . A A 1 4  ? -8.047  -9.397  2.556   1.00 1.21 ? 4  A A "H2'"  1 
ATOM 124 H "HO2'" . A A 1 4  ? -10.165 -10.209 3.321   1.00 1.72 ? 4  A A "HO2'" 1 
ATOM 125 H "H1'"  . A A 1 4  ? -8.796  -7.050  3.684   1.00 1.63 ? 4  A A "H1'"  1 
ATOM 126 H H8     . A A 1 4  ? -5.566  -7.726  5.393   1.00 1.52 ? 4  A A H8     1 
ATOM 127 H H61    . A A 1 4  ? -2.626  -5.666  0.378   1.00 1.71 ? 4  A A H61    1 
ATOM 128 H H62    . A A 1 4  ? -2.449  -6.124  2.058   1.00 1.58 ? 4  A A H62    1 
ATOM 129 H H2     . A A 1 4  ? -6.948  -6.234  -0.653  1.00 1.83 ? 4  A A H2     1 
ATOM 130 P P      . C A 1 5  ? -8.077  -12.621 3.812   1.00 1.60 ? 5  C A P      1 
ATOM 131 O OP1    . C A 1 5  ? -8.932  -13.793 4.108   1.00 2.31 ? 5  C A OP1    1 
ATOM 132 O OP2    . C A 1 5  ? -6.617  -12.694 4.048   1.00 1.94 ? 5  C A OP2    1 
ATOM 133 O "O5'"  . C A 1 5  ? -8.322  -12.192 2.279   1.00 1.47 ? 5  C A "O5'"  1 
ATOM 134 C "C5'"  . C A 1 5  ? -7.455  -12.661 1.239   1.00 1.62 ? 5  C A "C5'"  1 
ATOM 135 C "C4'"  . C A 1 5  ? -7.706  -11.926 -0.075  1.00 1.56 ? 5  C A "C4'"  1 
ATOM 136 O "O4'"  . C A 1 5  ? -7.460  -10.520 0.050   1.00 1.39 ? 5  C A "O4'"  1 
ATOM 137 C "C3'"  . C A 1 5  ? -6.738  -12.381 -1.158  1.00 1.64 ? 5  C A "C3'"  1 
ATOM 138 O "O3'"  . C A 1 5  ? -7.192  -13.570 -1.822  1.00 1.97 ? 5  C A "O3'"  1 
ATOM 139 C "C2'"  . C A 1 5  ? -6.747  -11.180 -2.084  1.00 1.59 ? 5  C A "C2'"  1 
ATOM 140 O "O2'"  . C A 1 5  ? -7.921  -11.157 -2.906  1.00 1.87 ? 5  C A "O2'"  1 
ATOM 141 C "C1'"  . C A 1 5  ? -6.734  -10.027 -1.086  1.00 1.40 ? 5  C A "C1'"  1 
ATOM 142 N N1     . C A 1 5  ? -5.370  -9.638  -0.655  1.00 1.22 ? 5  C A N1     1 
ATOM 143 C C2     . C A 1 5  ? -4.551  -9.041  -1.601  1.00 1.37 ? 5  C A C2     1 
ATOM 144 O O2     . C A 1 5  ? -4.960  -8.843  -2.740  1.00 1.61 ? 5  C A O2     1 
ATOM 145 N N3     . C A 1 5  ? -3.293  -8.688  -1.237  1.00 1.36 ? 5  C A N3     1 
ATOM 146 C C4     . C A 1 5  ? -2.849  -8.907  0.003   1.00 1.18 ? 5  C A C4     1 
ATOM 147 N N4     . C A 1 5  ? -1.607  -8.552  0.311   1.00 1.29 ? 5  C A N4     1 
ATOM 148 C C5     . C A 1 5  ? -3.684  -9.522  0.988   1.00 1.03 ? 5  C A C5     1 
ATOM 149 C C6     . C A 1 5  ? -4.931  -9.869  0.620   1.00 1.08 ? 5  C A C6     1 
ATOM 150 H "H5'"  . C A 1 5  ? -7.624  -13.727 1.088   1.00 2.03 ? 5  C A "H5'"  1 
ATOM 151 H "H5''" . C A 1 5  ? -6.419  -12.504 1.541   1.00 1.91 ? 5  C A "H5''" 1 
ATOM 152 H "H4'"  . C A 1 5  ? -8.733  -12.088 -0.403  1.00 1.74 ? 5  C A "H4'"  1 
ATOM 153 H "H3'"  . C A 1 5  ? -5.737  -12.518 -0.735  1.00 1.57 ? 5  C A "H3'"  1 
ATOM 154 H "H2'"  . C A 1 5  ? -5.839  -11.162 -2.694  1.00 1.59 ? 5  C A "H2'"  1 
ATOM 155 H "HO2'" . C A 1 5  ? -8.037  -12.042 -3.261  1.00 2.32 ? 5  C A "HO2'" 1 
ATOM 156 H "H1'"  . C A 1 5  ? -7.252  -9.165  -1.509  1.00 1.55 ? 5  C A "H1'"  1 
ATOM 157 H H41    . C A 1 5  ? -1.019  -8.118  -0.388  1.00 1.50 ? 5  C A H41    1 
ATOM 158 H H42    . C A 1 5  ? -1.249  -8.718  1.241   1.00 1.25 ? 5  C A H42    1 
ATOM 159 H H5     . C A 1 5  ? -3.322  -9.700  2.001   1.00 1.03 ? 5  C A H5     1 
ATOM 160 H H6     . C A 1 5  ? -5.595  -10.338 1.346   1.00 1.14 ? 5  C A H6     1 
ATOM 161 P P      . U A 1 6  ? -6.147  -14.723 -2.237  1.00 2.24 ? 6  U A P      1 
ATOM 162 O OP1    . U A 1 6  ? -6.882  -15.782 -2.962  1.00 3.01 ? 6  U A OP1    1 
ATOM 163 O OP2    . U A 1 6  ? -5.339  -15.066 -1.044  1.00 2.42 ? 6  U A OP2    1 
ATOM 164 O "O5'"  . U A 1 6  ? -5.186  -13.963 -3.287  1.00 2.12 ? 6  U A "O5'"  1 
ATOM 165 C "C5'"  . U A 1 6  ? -5.645  -13.653 -4.610  1.00 2.39 ? 6  U A "C5'"  1 
ATOM 166 C "C4'"  . U A 1 6  ? -4.570  -12.950 -5.435  1.00 2.29 ? 6  U A "C4'"  1 
ATOM 167 O "O4'"  . U A 1 6  ? -4.177  -11.704 -4.848  1.00 2.00 ? 6  U A "O4'"  1 
ATOM 168 C "C3'"  . U A 1 6  ? -3.285  -13.762 -5.483  1.00 2.44 ? 6  U A "C3'"  1 
ATOM 169 O "O3'"  . U A 1 6  ? -3.340  -14.788 -6.489  1.00 2.80 ? 6  U A "O3'"  1 
ATOM 170 C "C2'"  . U A 1 6  ? -2.270  -12.683 -5.819  1.00 2.29 ? 6  U A "C2'"  1 
ATOM 171 O "O2'"  . U A 1 6  ? -2.291  -12.353 -7.215  1.00 2.48 ? 6  U A "O2'"  1 
ATOM 172 C "C1'"  . U A 1 6  ? -2.758  -11.516 -4.961  1.00 1.98 ? 6  U A "C1'"  1 
ATOM 173 N N1     . U A 1 6  ? -2.177  -11.497 -3.600  1.00 1.82 ? 6  U A N1     1 
ATOM 174 C C2     . U A 1 6  ? -1.032  -10.746 -3.406  1.00 1.81 ? 6  U A C2     1 
ATOM 175 O O2     . U A 1 6  ? -0.501  -10.109 -4.311  1.00 1.89 ? 6  U A O2     1 
ATOM 176 N N3     . U A 1 6  ? -0.513  -10.753 -2.130  1.00 1.81 ? 6  U A N3     1 
ATOM 177 C C4     . U A 1 6  ? -1.025  -11.429 -1.043  1.00 1.82 ? 6  U A C4     1 
ATOM 178 O O4     . U A 1 6  ? -0.476  -11.357 0.051   1.00 1.94 ? 6  U A O4     1 
ATOM 179 C C5     . U A 1 6  ? -2.220  -12.188 -1.330  1.00 1.81 ? 6  U A C5     1 
ATOM 180 C C6     . U A 1 6  ? -2.752  -12.199 -2.575  1.00 1.82 ? 6  U A C6     1 
ATOM 181 H "H5'"  . U A 1 6  ? -6.520  -13.005 -4.540  1.00 2.71 ? 6  U A "H5'"  1 
ATOM 182 H "H5''" . U A 1 6  ? -5.928  -14.579 -5.113  1.00 2.87 ? 6  U A "H5''" 1 
ATOM 183 H "H4'"  . U A 1 6  ? -4.934  -12.774 -6.446  1.00 2.45 ? 6  U A "H4'"  1 
ATOM 184 H "H3'"  . U A 1 6  ? -3.069  -14.184 -4.497  1.00 2.46 ? 6  U A "H3'"  1 
ATOM 185 H "H2'"  . U A 1 6  ? -1.270  -12.989 -5.504  1.00 2.36 ? 6  U A "H2'"  1 
ATOM 186 H "HO2'" . U A 1 6  ? -1.690  -11.610 -7.341  1.00 2.67 ? 6  U A "HO2'" 1 
ATOM 187 H "H1'"  . U A 1 6  ? -2.551  -10.573 -5.468  1.00 1.99 ? 6  U A "H1'"  1 
ATOM 188 H H3     . U A 1 6  ? 0.324   -10.210 -1.976  1.00 1.89 ? 6  U A H3     1 
ATOM 189 H H5     . U A 1 6  ? -2.698  -12.758 -0.534  1.00 1.88 ? 6  U A H5     1 
ATOM 190 H H6     . U A 1 6  ? -3.657  -12.779 -2.762  1.00 1.91 ? 6  U A H6     1 
ATOM 191 P P      . U A 1 7  ? -2.275  -16.000 -6.500  1.00 3.11 ? 7  U A P      1 
ATOM 192 O OP1    . U A 1 7  ? -2.948  -17.199 -7.048  1.00 3.49 ? 7  U A OP1    1 
ATOM 193 O OP2    . U A 1 7  ? -1.623  -16.063 -5.171  1.00 3.22 ? 7  U A OP2    1 
ATOM 194 O "O5'"  . U A 1 7  ? -1.180  -15.498 -7.572  1.00 3.28 ? 7  U A "O5'"  1 
ATOM 195 C "C5'"  . U A 1 7  ? -0.485  -16.434 -8.407  1.00 3.60 ? 7  U A "C5'"  1 
ATOM 196 C "C4'"  . U A 1 7  ? 0.081   -15.764 -9.660  1.00 3.71 ? 7  U A "C4'"  1 
ATOM 197 O "O4'"  . U A 1 7  ? -0.952  -15.146 -10.434 1.00 3.75 ? 7  U A "O4'"  1 
ATOM 198 C "C3'"  . U A 1 7  ? 1.039   -14.632 -9.305  1.00 3.48 ? 7  U A "C3'"  1 
ATOM 199 O "O3'"  . U A 1 7  ? 2.035   -14.444 -10.323 1.00 3.73 ? 7  U A "O3'"  1 
ATOM 200 C "C2'"  . U A 1 7  ? 0.099   -13.441 -9.209  1.00 3.25 ? 7  U A "C2'"  1 
ATOM 201 O "O2'"  . U A 1 7  ? 0.797   -12.202 -9.395  1.00 3.24 ? 7  U A "O2'"  1 
ATOM 202 C "C1'"  . U A 1 7  ? -0.877  -13.716 -10.347 1.00 3.53 ? 7  U A "C1'"  1 
ATOM 203 N N1     . U A 1 7  ? -2.235  -13.187 -10.093 1.00 3.42 ? 7  U A N1     1 
ATOM 204 C C2     . U A 1 7  ? -2.528  -11.927 -10.577 1.00 3.50 ? 7  U A C2     1 
ATOM 205 O O2     . U A 1 7  ? -1.718  -11.266 -11.218 1.00 3.67 ? 7  U A O2     1 
ATOM 206 N N3     . U A 1 7  ? -3.793  -11.453 -10.307 1.00 3.48 ? 7  U A N3     1 
ATOM 207 C C4     . U A 1 7  ? -4.782  -12.115 -9.609  1.00 3.36 ? 7  U A C4     1 
ATOM 208 O O4     . U A 1 7  ? -5.878  -11.591 -9.435  1.00 3.41 ? 7  U A O4     1 
ATOM 209 C C5     . U A 1 7  ? -4.397  -13.425 -9.140  1.00 3.27 ? 7  U A C5     1 
ATOM 210 C C6     . U A 1 7  ? -3.160  -13.915 -9.390  1.00 3.32 ? 7  U A C6     1 
ATOM 211 H "H5'"  . U A 1 7  ? -1.173  -17.223 -8.709  1.00 4.01 ? 7  U A "H5'"  1 
ATOM 212 H "H5''" . U A 1 7  ? 0.335   -16.877 -7.840  1.00 3.56 ? 7  U A "H5''" 1 
ATOM 213 H "H4'"  . U A 1 7  ? 0.597   -16.503 -10.272 1.00 4.02 ? 7  U A "H4'"  1 
ATOM 214 H "H3'"  . U A 1 7  ? 1.503   -14.825 -8.334  1.00 3.35 ? 7  U A "H3'"  1 
ATOM 215 H "H2'"  . U A 1 7  ? -0.427  -13.457 -8.251  1.00 3.01 ? 7  U A "H2'"  1 
ATOM 216 H "HO2'" . U A 1 7  ? 0.138   -11.525 -9.574  1.00 3.08 ? 7  U A "HO2'" 1 
ATOM 217 H "H1'"  . U A 1 7  ? -0.485  -13.307 -11.279 1.00 3.74 ? 7  U A "H1'"  1 
ATOM 218 H H3     . U A 1 7  ? -4.015  -10.532 -10.649 1.00 3.63 ? 7  U A H3     1 
ATOM 219 H H5     . U A 1 7  ? -5.111  -14.027 -8.577  1.00 3.25 ? 7  U A H5     1 
ATOM 220 H H6     . U A 1 7  ? -2.895  -14.908 -9.025  1.00 3.36 ? 7  U A H6     1 
ATOM 221 P P      . C A 1 8  ? 3.596   -14.689 -10.004 1.00 3.82 ? 8  C A P      1 
ATOM 222 O OP1    . C A 1 8  ? 4.361   -14.510 -11.259 1.00 4.72 ? 8  C A OP1    1 
ATOM 223 O OP2    . C A 1 8  ? 3.718   -15.952 -9.241  1.00 3.60 ? 8  C A OP2    1 
ATOM 224 O "O5'"  . C A 1 8  ? 3.953   -13.469 -9.012  1.00 3.50 ? 8  C A "O5'"  1 
ATOM 225 C "C5'"  . C A 1 8  ? 4.071   -12.129 -9.509  1.00 3.47 ? 8  C A "C5'"  1 
ATOM 226 C "C4'"  . C A 1 8  ? 4.337   -11.127 -8.386  1.00 3.25 ? 8  C A "C4'"  1 
ATOM 227 O "O4'"  . C A 1 8  ? 3.276   -11.124 -7.423  1.00 2.92 ? 8  C A "O4'"  1 
ATOM 228 C "C3'"  . C A 1 8  ? 5.595   -11.494 -7.595  1.00 3.40 ? 8  C A "C3'"  1 
ATOM 229 O "O3'"  . C A 1 8  ? 6.281   -10.326 -7.113  1.00 3.42 ? 8  C A "O3'"  1 
ATOM 230 C "C2'"  . C A 1 8  ? 5.024   -12.311 -6.451  1.00 3.23 ? 8  C A "C2'"  1 
ATOM 231 O "O2'"  . C A 1 8  ? 5.914   -12.338 -5.326  1.00 3.31 ? 8  C A "O2'"  1 
ATOM 232 C "C1'"  . C A 1 8  ? 3.748   -11.544 -6.144  1.00 2.88 ? 8  C A "C1'"  1 
ATOM 233 N N1     . C A 1 8  ? 2.694   -12.359 -5.501  1.00 2.74 ? 8  C A N1     1 
ATOM 234 C C2     . C A 1 8  ? 2.143   -11.880 -4.322  1.00 2.62 ? 8  C A C2     1 
ATOM 235 O O2     . C A 1 8  ? 2.521   -10.807 -3.852  1.00 2.66 ? 8  C A O2     1 
ATOM 236 N N3     . C A 1 8  ? 1.175   -12.617 -3.716  1.00 2.56 ? 8  C A N3     1 
ATOM 237 C C4     . C A 1 8  ? 0.761   -13.772 -4.244  1.00 2.65 ? 8  C A C4     1 
ATOM 238 N N4     . C A 1 8  ? -0.197  -14.459 -3.630  1.00 2.69 ? 8  C A N4     1 
ATOM 239 C C5     . C A 1 8  ? 1.322   -14.271 -5.459  1.00 2.82 ? 8  C A C5     1 
ATOM 240 C C6     . C A 1 8  ? 2.282   -13.536 -6.051  1.00 2.85 ? 8  C A C6     1 
ATOM 241 H "H5'"  . C A 1 8  ? 3.144   -11.854 -10.015 1.00 3.41 ? 8  C A "H5'"  1 
ATOM 242 H "H5''" . C A 1 8  ? 4.893   -12.086 -10.224 1.00 3.73 ? 8  C A "H5''" 1 
ATOM 243 H "H4'"  . C A 1 8  ? 4.446   -10.128 -8.806  1.00 3.31 ? 8  C A "H4'"  1 
ATOM 244 H "H3'"  . C A 1 8  ? 6.259   -12.113 -8.207  1.00 3.66 ? 8  C A "H3'"  1 
ATOM 245 H "H2'"  . C A 1 8  ? 4.789   -13.322 -6.794  1.00 3.36 ? 8  C A "H2'"  1 
ATOM 246 H "HO2'" . C A 1 8  ? 6.289   -11.456 -5.242  1.00 3.26 ? 8  C A "HO2'" 1 
ATOM 247 H "H1'"  . C A 1 8  ? 3.977   -10.675 -5.529  1.00 2.78 ? 8  C A "H1'"  1 
ATOM 248 H H41    . C A 1 8  ? -0.595  -14.111 -2.772  1.00 2.63 ? 8  C A H41    1 
ATOM 249 H H42    . C A 1 8  ? -0.531  -15.327 -4.028  1.00 2.85 ? 8  C A H42    1 
ATOM 250 H H5     . C A 1 8  ? 0.985   -15.213 -5.892  1.00 3.01 ? 8  C A H5     1 
ATOM 251 H H6     . C A 1 8  ? 2.734   -13.885 -6.981  1.00 3.02 ? 8  C A H6     1 
ATOM 252 P P      . G A 1 9  ? 7.431   -9.618  -7.996  1.00 3.76 ? 9  G A P      1 
ATOM 253 O OP1    . G A 1 9  ? 8.158   -10.671 -8.742  1.00 4.16 ? 9  G A OP1    1 
ATOM 254 O OP2    . G A 1 9  ? 8.180   -8.689  -7.117  1.00 3.97 ? 9  G A OP2    1 
ATOM 255 O "O5'"  . G A 1 9  ? 6.584   -8.744  -9.050  1.00 3.68 ? 9  G A "O5'"  1 
ATOM 256 C "C5'"  . G A 1 9  ? 5.681   -7.726  -8.599  1.00 3.51 ? 9  G A "C5'"  1 
ATOM 257 C "C4'"  . G A 1 9  ? 4.958   -7.059  -9.766  1.00 3.61 ? 9  G A "C4'"  1 
ATOM 258 O "O4'"  . G A 1 9  ? 4.165   -7.996  -10.497 1.00 3.59 ? 9  G A "O4'"  1 
ATOM 259 C "C3'"  . G A 1 9  ? 3.963   -6.015  -9.274  1.00 3.52 ? 9  G A "C3'"  1 
ATOM 260 O "O3'"  . G A 1 9  ? 4.597   -4.744  -9.059  1.00 3.70 ? 9  G A "O3'"  1 
ATOM 261 C "C2'"  . G A 1 9  ? 2.977   -5.963  -10.429 1.00 3.60 ? 9  G A "C2'"  1 
ATOM 262 O "O2'"  . G A 1 9  ? 3.459   -5.128  -11.490 1.00 3.88 ? 9  G A "O2'"  1 
ATOM 263 C "C1'"  . G A 1 9  ? 2.899   -7.427  -10.858 1.00 3.55 ? 9  G A "C1'"  1 
ATOM 264 N N9     . G A 1 9  ? 1.829   -8.196  -10.185 1.00 3.32 ? 9  G A N9     1 
ATOM 265 C C8     . G A 1 9  ? 0.725   -8.774  -10.717 1.00 3.37 ? 9  G A C8     1 
ATOM 266 N N7     . G A 1 9  ? -0.061  -9.413  -9.920  1.00 3.17 ? 9  G A N7     1 
ATOM 267 C C5     . G A 1 9  ? 0.586   -9.251  -8.692  1.00 2.93 ? 9  G A C5     1 
ATOM 268 C C6     . G A 1 9  ? 0.224   -9.725  -7.403  1.00 2.65 ? 9  G A C6     1 
ATOM 269 O O6     . G A 1 9  ? -0.755  -10.395 -7.084  1.00 2.56 ? 9  G A O6     1 
ATOM 270 N N1     . G A 1 9  ? 1.145   -9.343  -6.443  1.00 2.53 ? 9  G A N1     1 
ATOM 271 C C2     . G A 1 9  ? 2.277   -8.598  -6.684  1.00 2.69 ? 9  G A C2     1 
ATOM 272 N N2     . G A 1 9  ? 3.042   -8.335  -5.635  1.00 2.64 ? 9  G A N2     1 
ATOM 273 N N3     . G A 1 9  ? 2.629   -8.146  -7.887  1.00 2.94 ? 9  G A N3     1 
ATOM 274 C C4     . G A 1 9  ? 1.746   -8.506  -8.845  1.00 3.04 ? 9  G A C4     1 
ATOM 275 H "H5'"  . G A 1 9  ? 6.241   -6.970  -8.048  1.00 3.58 ? 9  G A "H5'"  1 
ATOM 276 H "H5''" . G A 1 9  ? 4.942   -8.176  -7.935  1.00 3.28 ? 9  G A "H5''" 1 
ATOM 277 H "H4'"  . G A 1 9  ? 5.681   -6.594  -10.434 1.00 3.82 ? 9  G A "H4'"  1 
ATOM 278 H "H3'"  . G A 1 9  ? 3.461   -6.369  -8.369  1.00 3.32 ? 9  G A "H3'"  1 
ATOM 279 H "H2'"  . G A 1 9  ? 2.000   -5.623  -10.078 1.00 3.51 ? 9  G A "H2'"  1 
ATOM 280 H "HO2'" . G A 1 9  ? 3.917   -4.389  -11.080 1.00 4.01 ? 9  G A "HO2'" 1 
ATOM 281 H "H1'"  . G A 1 9  ? 2.768   -7.484  -11.938 1.00 3.73 ? 9  G A "H1'"  1 
ATOM 282 H H8     . G A 1 9  ? 0.509   -8.701  -11.783 1.00 3.61 ? 9  G A H8     1 
ATOM 283 H H1     . G A 1 9  ? 0.952   -9.645  -5.501  1.00 2.37 ? 9  G A H1     1 
ATOM 284 H H21    . G A 1 9  ? 2.780   -8.674  -4.721  1.00 2.49 ? 9  G A H21    1 
ATOM 285 H H22    . G A 1 9  ? 3.884   -7.794  -5.752  1.00 2.79 ? 9  G A H22    1 
ATOM 286 P P      . G A 1 10 ? 4.426   -3.952  -7.664  1.00 3.64 ? 10 G A P      1 
ATOM 287 O OP1    . G A 1 10 ? 5.724   -3.322  -7.334  1.00 4.14 ? 10 G A OP1    1 
ATOM 288 O OP2    . G A 1 10 ? 3.781   -4.856  -6.683  1.00 3.74 ? 10 G A OP2    1 
ATOM 289 O "O5'"  . G A 1 10 ? 3.386   -2.779  -8.050  1.00 3.58 ? 10 G A "O5'"  1 
ATOM 290 C "C5'"  . G A 1 10 ? 2.130   -2.643  -7.372  1.00 3.52 ? 10 G A "C5'"  1 
ATOM 291 C "C4'"  . G A 1 10 ? 1.024   -3.434  -8.068  1.00 3.42 ? 10 G A "C4'"  1 
ATOM 292 O "O4'"  . G A 1 10 ? 1.256   -4.845  -7.988  1.00 3.21 ? 10 G A "O4'"  1 
ATOM 293 C "C3'"  . G A 1 10 ? -0.320  -3.229  -7.379  1.00 3.25 ? 10 G A "C3'"  1 
ATOM 294 O "O3'"  . G A 1 10 ? -1.000  -2.065  -7.875  1.00 3.53 ? 10 G A "O3'"  1 
ATOM 295 C "C2'"  . G A 1 10 ? -1.045  -4.507  -7.752  1.00 3.05 ? 10 G A "C2'"  1 
ATOM 296 O "O2'"  . G A 1 10 ? -1.532  -4.463  -9.100  1.00 3.28 ? 10 G A "O2'"  1 
ATOM 297 C "C1'"  . G A 1 10 ? 0.065   -5.537  -7.588  1.00 2.95 ? 10 G A "C1'"  1 
ATOM 298 N N9     . G A 1 10 ? 0.237   -5.999  -6.197  1.00 2.62 ? 10 G A N9     1 
ATOM 299 C C8     . G A 1 10 ? 1.323   -5.923  -5.389  1.00 2.56 ? 10 G A C8     1 
ATOM 300 N N7     . G A 1 10 ? 1.214   -6.403  -4.194  1.00 2.29 ? 10 G A N7     1 
ATOM 301 C C5     . G A 1 10 ? -0.109  -6.859  -4.191  1.00 2.12 ? 10 G A C5     1 
ATOM 302 C C6     . G A 1 10 ? -0.851  -7.495  -3.161  1.00 1.84 ? 10 G A C6     1 
ATOM 303 O O6     . G A 1 10 ? -0.488  -7.792  -2.026  1.00 1.67 ? 10 G A O6     1 
ATOM 304 N N1     . G A 1 10 ? -2.140  -7.788  -3.572  1.00 1.83 ? 10 G A N1     1 
ATOM 305 C C2     . G A 1 10 ? -2.661  -7.508  -4.814  1.00 2.09 ? 10 G A C2     1 
ATOM 306 N N2     . G A 1 10 ? -3.922  -7.861  -5.016  1.00 2.14 ? 10 G A N2     1 
ATOM 307 N N3     . G A 1 10 ? -1.975  -6.912  -5.789  1.00 2.35 ? 10 G A N3     1 
ATOM 308 C C4     . G A 1 10 ? -0.712  -6.615  -5.415  1.00 2.34 ? 10 G A C4     1 
ATOM 309 H "H5'"  . G A 1 10 ? 1.851   -1.589  -7.351  1.00 3.82 ? 10 G A "H5'"  1 
ATOM 310 H "H5''" . G A 1 10 ? 2.235   -3.002  -6.348  1.00 3.43 ? 10 G A "H5''" 1 
ATOM 311 H "H4'"  . G A 1 10 ? 0.955   -3.136  -9.112  1.00 3.67 ? 10 G A "H4'"  1 
ATOM 312 H "H3'"  . G A 1 10 ? -0.185  -3.179  -6.295  1.00 3.10 ? 10 G A "H3'"  1 
ATOM 313 H "H2'"  . G A 1 10 ? -1.855  -4.708  -7.046  1.00 2.83 ? 10 G A "H2'"  1 
ATOM 314 H "HO2'" . G A 1 10 ? -1.925  -3.598  -9.232  1.00 3.62 ? 10 G A "HO2'" 1 
ATOM 315 H "H1'"  . G A 1 10 ? -0.112  -6.387  -8.248  1.00 2.99 ? 10 G A "H1'"  1 
ATOM 316 H H8     . G A 1 10 ? 2.255   -5.477  -5.735  1.00 2.77 ? 10 G A H8     1 
ATOM 317 H H1     . G A 1 10 ? -2.725  -8.245  -2.890  1.00 1.68 ? 10 G A H1     1 
ATOM 318 H H21    . G A 1 10 ? -4.445  -8.314  -4.280  1.00 1.99 ? 10 G A H21    1 
ATOM 319 H H22    . G A 1 10 ? -4.358  -7.676  -5.907  1.00 2.36 ? 10 G A H22    1 
ATOM 320 P P      . U A 1 11 ? -2.061  -1.280  -6.952  1.00 3.53 ? 11 U A P      1 
ATOM 321 O OP1    . U A 1 11 ? -2.630  -0.166  -7.745  1.00 4.02 ? 11 U A OP1    1 
ATOM 322 O OP2    . U A 1 11 ? -1.428  -1.007  -5.642  1.00 3.59 ? 11 U A OP2    1 
ATOM 323 O "O5'"  . U A 1 11 ? -3.214  -2.384  -6.727  1.00 3.31 ? 11 U A "O5'"  1 
ATOM 324 C "C5'"  . U A 1 11 ? -4.180  -2.664  -7.750  1.00 3.44 ? 11 U A "C5'"  1 
ATOM 325 C "C4'"  . U A 1 11 ? -5.406  -3.373  -7.182  1.00 3.23 ? 11 U A "C4'"  1 
ATOM 326 O "O4'"  . U A 1 11 ? -5.071  -4.648  -6.623  1.00 2.91 ? 11 U A "O4'"  1 
ATOM 327 C "C3'"  . U A 1 11 ? -6.001  -2.591  -6.019  1.00 3.19 ? 11 U A "C3'"  1 
ATOM 328 O "O3'"  . U A 1 11 ? -6.897  -1.566  -6.472  1.00 3.49 ? 11 U A "O3'"  1 
ATOM 329 C "C2'"  . U A 1 11 ? -6.728  -3.686  -5.259  1.00 2.87 ? 11 U A "C2'"  1 
ATOM 330 O "O2'"  . U A 1 11 ? -7.992  -3.993  -5.861  1.00 2.95 ? 11 U A "O2'"  1 
ATOM 331 C "C1'"  . U A 1 11 ? -5.750  -4.852  -5.375  1.00 2.66 ? 11 U A "C1'"  1 
ATOM 332 N N1     . U A 1 11 ? -4.744  -4.890  -4.290  1.00 2.45 ? 11 U A N1     1 
ATOM 333 C C2     . U A 1 11 ? -5.072  -5.591  -3.145  1.00 2.16 ? 11 U A C2     1 
ATOM 334 O O2     . U A 1 11 ? -6.146  -6.168  -3.011  1.00 2.08 ? 11 U A O2     1 
ATOM 335 N N3     . U A 1 11 ? -4.120  -5.606  -2.151  1.00 2.00 ? 11 U A N3     1 
ATOM 336 C C4     . U A 1 11 ? -2.886  -4.994  -2.190  1.00 2.12 ? 11 U A C4     1 
ATOM 337 O O4     . U A 1 11 ? -2.120  -5.080  -1.235  1.00 2.01 ? 11 U A O4     1 
ATOM 338 C C5     . U A 1 11 ? -2.620  -4.284  -3.419  1.00 2.42 ? 11 U A C5     1 
ATOM 339 C C6     . U A 1 11 ? -3.538  -4.252  -4.415  1.00 2.58 ? 11 U A C6     1 
ATOM 340 H "H5'"  . U A 1 11 ? -3.722  -3.298  -8.509  1.00 3.50 ? 11 U A "H5'"  1 
ATOM 341 H "H5''" . U A 1 11 ? -4.492  -1.726  -8.210  1.00 3.69 ? 11 U A "H5''" 1 
ATOM 342 H "H4'"  . U A 1 11 ? -6.155  -3.503  -7.962  1.00 3.37 ? 11 U A "H4'"  1 
ATOM 343 H "H3'"  . U A 1 11 ? -5.201  -2.174  -5.400  1.00 3.18 ? 11 U A "H3'"  1 
ATOM 344 H "H2'"  . U A 1 11 ? -6.852  -3.401  -4.211  1.00 2.79 ? 11 U A "H2'"  1 
ATOM 345 H "HO2'" . U A 1 11 ? -8.506  -3.182  -5.868  1.00 3.11 ? 11 U A "HO2'" 1 
ATOM 346 H "H1'"  . U A 1 11 ? -6.301  -5.794  -5.404  1.00 2.55 ? 11 U A "H1'"  1 
ATOM 347 H H3     . U A 1 11 ? -4.352  -6.112  -1.310  1.00 1.83 ? 11 U A H3     1 
ATOM 348 H H5     . U A 1 11 ? -1.669  -3.767  -3.547  1.00 2.55 ? 11 U A H5     1 
ATOM 349 H H6     . U A 1 11 ? -3.311  -3.709  -5.332  1.00 2.83 ? 11 U A H6     1 
ATOM 350 P P      . C A 1 12 ? -7.191  -0.275  -5.554  1.00 3.64 ? 12 C A P      1 
ATOM 351 O OP1    . C A 1 12 ? -8.118  0.615   -6.288  1.00 3.99 ? 12 C A OP1    1 
ATOM 352 O OP2    . C A 1 12 ? -5.894  0.250   -5.064  1.00 4.07 ? 12 C A OP2    1 
ATOM 353 O "O5'"  . C A 1 12 ? -7.983  -0.912  -4.306  1.00 3.32 ? 12 C A "O5'"  1 
ATOM 354 C "C5'"  . C A 1 12 ? -7.963  -0.278  -3.022  1.00 3.36 ? 12 C A "C5'"  1 
ATOM 355 C "C4'"  . C A 1 12 ? -8.573  -1.173  -1.947  1.00 3.08 ? 12 C A "C4'"  1 
ATOM 356 O "O4'"  . C A 1 12 ? -7.826  -2.383  -1.777  1.00 2.79 ? 12 C A "O4'"  1 
ATOM 357 C "C3'"  . C A 1 12 ? -8.526  -0.507  -0.581  1.00 3.15 ? 12 C A "C3'"  1 
ATOM 358 O "O3'"  . C A 1 12 ? -9.629  0.391   -0.387  1.00 3.38 ? 12 C A "O3'"  1 
ATOM 359 C "C2'"  . C A 1 12 ? -8.604  -1.714  0.334   1.00 2.84 ? 12 C A "C2'"  1 
ATOM 360 O "O2'"  . C A 1 12 ? -9.943  -2.221  0.433   1.00 2.80 ? 12 C A "O2'"  1 
ATOM 361 C "C1'"  . C A 1 12 ? -7.683  -2.699  -0.383  1.00 2.61 ? 12 C A "C1'"  1 
ATOM 362 N N1     . C A 1 12 ? -6.259  -2.559  -0.004  1.00 2.56 ? 12 C A N1     1 
ATOM 363 C C2     . C A 1 12 ? -5.861  -3.117  1.202   1.00 2.37 ? 12 C A C2     1 
ATOM 364 O O2     . C A 1 12 ? -6.676  -3.701  1.911   1.00 2.27 ? 12 C A O2     1 
ATOM 365 N N3     . C A 1 12 ? -4.560  -2.998  1.572   1.00 2.35 ? 12 C A N3     1 
ATOM 366 C C4     . C A 1 12 ? -3.680  -2.359  0.796   1.00 2.51 ? 12 C A C4     1 
ATOM 367 N N4     . C A 1 12 ? -2.416  -2.262  1.195   1.00 2.51 ? 12 C A N4     1 
ATOM 368 C C5     . C A 1 12 ? -4.079  -1.781  -0.450  1.00 2.72 ? 12 C A C5     1 
ATOM 369 C C6     . C A 1 12 ? -5.370  -1.904  -0.810  1.00 2.74 ? 12 C A C6     1 
ATOM 370 H "H5'"  . C A 1 12 ? -8.531  0.652   -3.074  1.00 3.76 ? 12 C A "H5'"  1 
ATOM 371 H "H5''" . C A 1 12 ? -6.932  -0.050  -2.752  1.00 3.54 ? 12 C A "H5''" 1 
ATOM 372 H "H4'"  . C A 1 12 ? -9.602  -1.415  -2.206  1.00 3.08 ? 12 C A "H4'"  1 
ATOM 373 H "H3'"  . C A 1 12 ? -7.568  0.004   -0.444  1.00 3.26 ? 12 C A "H3'"  1 
ATOM 374 H "H2'"  . C A 1 12 ? -8.202  -1.471  1.322   1.00 2.87 ? 12 C A "H2'"  1 
ATOM 375 H "HO2'" . C A 1 12 ? -9.920  -2.973  1.027   1.00 3.09 ? 12 C A "HO2'" 1 
ATOM 376 H "H1'"  . C A 1 12 ? -8.020  -3.720  -0.201  1.00 2.42 ? 12 C A "H1'"  1 
ATOM 377 H H41    . C A 1 12 ? -2.132  -2.670  2.075   1.00 2.39 ? 12 C A H41    1 
ATOM 378 H H42    . C A 1 12 ? -1.739  -1.779  0.621   1.00 2.66 ? 12 C A H42    1 
ATOM 379 H H5     . C A 1 12 ? -3.362  -1.259  -1.084  1.00 2.89 ? 12 C A H5     1 
ATOM 380 H H6     . C A 1 12 ? -5.708  -1.475  -1.754  1.00 2.92 ? 12 C A H6     1 
ATOM 381 P P      . G A 1 13 ? -9.373  1.938   -0.014  1.00 3.60 ? 13 G A P      1 
ATOM 382 O OP1    . G A 1 13 ? -10.670 2.650   -0.068  1.00 4.31 ? 13 G A OP1    1 
ATOM 383 O OP2    . G A 1 13 ? -8.228  2.425   -0.815  1.00 3.66 ? 13 G A OP2    1 
ATOM 384 O "O5'"  . G A 1 13 ? -8.904  1.853   1.525   1.00 3.46 ? 13 G A "O5'"  1 
ATOM 385 C "C5'"  . G A 1 13 ? -9.853  1.584   2.564   1.00 3.31 ? 13 G A "C5'"  1 
ATOM 386 C "C4'"  . G A 1 13 ? -9.168  1.291   3.898   1.00 3.20 ? 13 G A "C4'"  1 
ATOM 387 O "O4'"  . G A 1 13 ? -8.292  0.163   3.811   1.00 3.15 ? 13 G A "O4'"  1 
ATOM 388 C "C3'"  . G A 1 13 ? -8.256  2.431   4.323   1.00 3.02 ? 13 G A "C3'"  1 
ATOM 389 O "O3'"  . G A 1 13 ? -8.984  3.498   4.954   1.00 3.09 ? 13 G A "O3'"  1 
ATOM 390 C "C2'"  . G A 1 13 ? -7.341  1.715   5.299   1.00 2.94 ? 13 G A "C2'"  1 
ATOM 391 O "O2'"  . G A 1 13 ? -7.975  1.521   6.571   1.00 3.05 ? 13 G A "O2'"  1 
ATOM 392 C "C1'"  . G A 1 13 ? -7.102  0.387   4.583   1.00 3.00 ? 13 G A "C1'"  1 
ATOM 393 N N9     . G A 1 13 ? -5.944  0.414   3.670   1.00 2.89 ? 13 G A N9     1 
ATOM 394 C C8     . G A 1 13 ? -5.903  0.367   2.315   1.00 2.93 ? 13 G A C8     1 
ATOM 395 N N7     . G A 1 13 ? -4.744  0.420   1.749   1.00 2.85 ? 13 G A N7     1 
ATOM 396 C C5     . G A 1 13 ? -3.892  0.514   2.856   1.00 2.72 ? 13 G A C5     1 
ATOM 397 C C6     . G A 1 13 ? -2.475  0.608   2.915   1.00 2.62 ? 13 G A C6     1 
ATOM 398 O O6     . G A 1 13 ? -1.669  0.632   1.989   1.00 2.60 ? 13 G A O6     1 
ATOM 399 N N1     . G A 1 13 ? -2.026  0.684   4.224   1.00 2.58 ? 13 G A N1     1 
ATOM 400 C C2     . G A 1 13 ? -2.831  0.673   5.340   1.00 2.64 ? 13 G A C2     1 
ATOM 401 N N2     . G A 1 13 ? -2.218  0.763   6.511   1.00 2.65 ? 13 G A N2     1 
ATOM 402 N N3     . G A 1 13 ? -4.157  0.587   5.299   1.00 2.72 ? 13 G A N3     1 
ATOM 403 C C4     . G A 1 13 ? -4.622  0.511   4.034   1.00 2.76 ? 13 G A C4     1 
ATOM 404 H "H5'"  . G A 1 13 ? -10.458 0.722   2.280   1.00 3.49 ? 13 G A "H5'"  1 
ATOM 405 H "H5''" . G A 1 13 ? -10.504 2.450   2.685   1.00 3.53 ? 13 G A "H5''" 1 
ATOM 406 H "H4'"  . G A 1 13 ? -9.916  1.109   4.667   1.00 3.33 ? 13 G A "H4'"  1 
ATOM 407 H "H3'"  . G A 1 13 ? -7.680  2.792   3.465   1.00 2.95 ? 13 G A "H3'"  1 
ATOM 408 H "H2'"  . G A 1 13 ? -6.399  2.260   5.409   1.00 2.81 ? 13 G A "H2'"  1 
ATOM 409 H "HO2'" . G A 1 13 ? -8.377  2.357   6.816   1.00 2.92 ? 13 G A "HO2'" 1 
ATOM 410 H "H1'"  . G A 1 13 ? -6.980  -0.412  5.316   1.00 3.05 ? 13 G A "H1'"  1 
ATOM 411 H H8     . G A 1 13 ? -6.817  0.288   1.726   1.00 3.07 ? 13 G A H8     1 
ATOM 412 H H1     . G A 1 13 ? -1.028  0.753   4.345   1.00 2.54 ? 13 G A H1     1 
ATOM 413 H H21    . G A 1 13 ? -1.211  0.828   6.552   1.00 2.62 ? 13 G A H21    1 
ATOM 414 H H22    . G A 1 13 ? -2.760  0.768   7.361   1.00 2.72 ? 13 G A H22    1 
ATOM 415 P P      . C A 1 14 ? -8.526  5.031   4.764   1.00 2.74 ? 14 C A P      1 
ATOM 416 O OP1    . C A 1 14 ? -9.463  5.890   5.522   1.00 3.39 ? 14 C A OP1    1 
ATOM 417 O OP2    . C A 1 14 ? -8.306  5.275   3.320   1.00 2.71 ? 14 C A OP2    1 
ATOM 418 O "O5'"  . C A 1 14 ? -7.093  5.066   5.504   1.00 2.37 ? 14 C A "O5'"  1 
ATOM 419 C "C5'"  . C A 1 14 ? -6.998  4.884   6.923   1.00 2.29 ? 14 C A "C5'"  1 
ATOM 420 C "C4'"  . C A 1 14 ? -5.547  4.765   7.388   1.00 2.14 ? 14 C A "C4'"  1 
ATOM 421 O "O4'"  . C A 1 14 ? -4.859  3.699   6.722   1.00 2.31 ? 14 C A "O4'"  1 
ATOM 422 C "C3'"  . C A 1 14 ? -4.734  6.000   7.033   1.00 1.64 ? 14 C A "C3'"  1 
ATOM 423 O "O3'"  . C A 1 14 ? -4.934  7.073   7.970   1.00 1.69 ? 14 C A "O3'"  1 
ATOM 424 C "C2'"  . C A 1 14 ? -3.326  5.441   7.105   1.00 1.71 ? 14 C A "C2'"  1 
ATOM 425 O "O2'"  . C A 1 14 ? -2.874  5.320   8.460   1.00 2.13 ? 14 C A "O2'"  1 
ATOM 426 C "C1'"  . C A 1 14 ? -3.500  4.073   6.446   1.00 2.00 ? 14 C A "C1'"  1 
ATOM 427 N N1     . C A 1 14 ? -3.295  4.102   4.979   1.00 1.84 ? 14 C A N1     1 
ATOM 428 C C2     . C A 1 14 ? -2.024  3.816   4.504   1.00 1.84 ? 14 C A C2     1 
ATOM 429 O O2     . C A 1 14 ? -1.125  3.509   5.282   1.00 1.94 ? 14 C A O2     1 
ATOM 430 N N3     . C A 1 14 ? -1.803  3.880   3.164   1.00 1.89 ? 14 C A N3     1 
ATOM 431 C C4     . C A 1 14 ? -2.787  4.210   2.321   1.00 2.02 ? 14 C A C4     1 
ATOM 432 N N4     . C A 1 14 ? -2.523  4.283   1.019   1.00 2.30 ? 14 C A N4     1 
ATOM 433 C C5     . C A 1 14 ? -4.102  4.501   2.800   1.00 1.98 ? 14 C A C5     1 
ATOM 434 C C6     . C A 1 14 ? -4.313  4.436   4.129   1.00 1.84 ? 14 C A C6     1 
ATOM 435 H "H5'"  . C A 1 14 ? -7.534  3.978   7.203   1.00 2.64 ? 14 C A "H5'"  1 
ATOM 436 H "H5''" . C A 1 14 ? -7.460  5.738   7.420   1.00 2.59 ? 14 C A "H5''" 1 
ATOM 437 H "H4'"  . C A 1 14 ? -5.515  4.597   8.464   1.00 2.42 ? 14 C A "H4'"  1 
ATOM 438 H "H3'"  . C A 1 14 ? -4.958  6.318   6.010   1.00 1.47 ? 14 C A "H3'"  1 
ATOM 439 H "H2'"  . C A 1 14 ? -2.641  6.057   6.517   1.00 1.45 ? 14 C A "H2'"  1 
ATOM 440 H "HO2'" . C A 1 14 ? -3.065  6.154   8.896   1.00 2.33 ? 14 C A "HO2'" 1 
ATOM 441 H "H1'"  . C A 1 14 ? -2.819  3.353   6.903   1.00 2.29 ? 14 C A "H1'"  1 
ATOM 442 H H41    . C A 1 14 ? -1.593  4.077   0.680   1.00 2.36 ? 14 C A H41    1 
ATOM 443 H H42    . C A 1 14 ? -3.247  4.551   0.371   1.00 2.52 ? 14 C A H42    1 
ATOM 444 H H5     . C A 1 14 ? -4.907  4.769   2.115   1.00 2.16 ? 14 C A H5     1 
ATOM 445 H H6     . C A 1 14 ? -5.305  4.648   4.530   1.00 1.85 ? 14 C A H6     1 
ATOM 446 P P      . A A 1 15 ? -6.048  8.210   7.696   1.00 1.43 ? 15 A A P      1 
ATOM 447 O OP1    . A A 1 15 ? -5.704  9.397   8.511   1.00 2.38 ? 15 A A OP1    1 
ATOM 448 O OP2    . A A 1 15 ? -7.386  7.590   7.832   1.00 1.77 ? 15 A A OP2    1 
ATOM 449 O "O5'"  . A A 1 15 ? -5.815  8.574   6.138   1.00 1.44 ? 15 A A "O5'"  1 
ATOM 450 C "C5'"  . A A 1 15 ? -4.961  9.659   5.734   1.00 1.53 ? 15 A A "C5'"  1 
ATOM 451 C "C4'"  . A A 1 15 ? -3.568  9.559   6.358   1.00 1.76 ? 15 A A "C4'"  1 
ATOM 452 O "O4'"  . A A 1 15 ? -2.950  8.302   6.063   1.00 1.46 ? 15 A A "O4'"  1 
ATOM 453 C "C3'"  . A A 1 15 ? -2.620  10.601  5.775   1.00 2.04 ? 15 A A "C3'"  1 
ATOM 454 O "O3'"  . A A 1 15 ? -2.712  11.854  6.473   1.00 2.70 ? 15 A A "O3'"  1 
ATOM 455 C "C2'"  . A A 1 15 ? -1.271  9.934   5.989   1.00 2.00 ? 15 A A "C2'"  1 
ATOM 456 O "O2'"  . A A 1 15 ? -0.820  10.083  7.341   1.00 2.57 ? 15 A A "O2'"  1 
ATOM 457 C "C1'"  . A A 1 15 ? -1.587  8.480   5.662   1.00 1.50 ? 15 A A "C1'"  1 
ATOM 458 N N9     . A A 1 15 ? -1.482  8.153   4.226   1.00 1.08 ? 15 A A N9     1 
ATOM 459 C C8     . A A 1 15 ? -2.448  7.784   3.349   1.00 1.00 ? 15 A A C8     1 
ATOM 460 N N7     . A A 1 15 ? -2.089  7.538   2.133   1.00 1.19 ? 15 A A N7     1 
ATOM 461 C C5     . A A 1 15 ? -0.710  7.770   2.194   1.00 1.15 ? 15 A A C5     1 
ATOM 462 C C6     . A A 1 15 ? 0.308   7.691   1.231   1.00 1.43 ? 15 A A C6     1 
ATOM 463 N N6     . A A 1 15 ? 0.089   7.338   -0.031  1.00 1.91 ? 15 A A N6     1 
ATOM 464 N N1     . A A 1 15 ? 1.559   7.985   1.628   1.00 1.35 ? 15 A A N1     1 
ATOM 465 C C2     . A A 1 15 ? 1.774   8.334   2.894   1.00 1.19 ? 15 A A C2     1 
ATOM 466 N N3     . A A 1 15 ? 0.909   8.444   3.892   1.00 1.17 ? 15 A A N3     1 
ATOM 467 C C4     . A A 1 15 ? -0.334  8.145   3.467   1.00 1.03 ? 15 A A C4     1 
ATOM 468 H "H5'"  . A A 1 15 ? -5.417  10.603  6.033   1.00 1.84 ? 15 A A "H5'"  1 
ATOM 469 H "H5''" . A A 1 15 ? -4.862  9.643   4.648   1.00 1.38 ? 15 A A "H5''" 1 
ATOM 470 H "H4'"  . A A 1 15 ? -3.635  9.685   7.437   1.00 2.16 ? 15 A A "H4'"  1 
ATOM 471 H "H3'"  . A A 1 15 ? -2.809  10.727  4.705   1.00 1.92 ? 15 A A "H3'"  1 
ATOM 472 H "H2'"  . A A 1 15 ? -0.535  10.327  5.284   1.00 2.03 ? 15 A A "H2'"  1 
ATOM 473 H "HO2'" . A A 1 15 ? -0.975  10.996  7.593   1.00 3.04 ? 15 A A "HO2'" 1 
ATOM 474 H "H1'"  . A A 1 15 ? -0.941  7.822   6.243   1.00 1.74 ? 15 A A "H1'"  1 
ATOM 475 H H8     . A A 1 15 ? -3.490  7.699   3.657   1.00 1.04 ? 15 A A H8     1 
ATOM 476 H H61    . A A 1 15 ? 0.855   7.296   -0.685  1.00 2.18 ? 15 A A H61    1 
ATOM 477 H H62    . A A 1 15 ? -0.847  7.115   -0.336  1.00 2.07 ? 15 A A H62    1 
ATOM 478 H H2     . A A 1 15 ? 2.811   8.556   3.149   1.00 1.30 ? 15 A A H2     1 
ATOM 479 P P      . G A 1 16 ? -2.679  13.251  5.667   1.00 3.16 ? 16 G A P      1 
ATOM 480 O OP1    . G A 1 16 ? -2.949  14.345  6.629   1.00 3.21 ? 16 G A OP1    1 
ATOM 481 O OP2    . G A 1 16 ? -3.521  13.109  4.459   1.00 3.89 ? 16 G A OP2    1 
ATOM 482 O "O5'"  . G A 1 16 ? -1.140  13.350  5.201   1.00 3.25 ? 16 G A "O5'"  1 
ATOM 483 C "C5'"  . G A 1 16 ? -0.138  13.890  6.074   1.00 3.63 ? 16 G A "C5'"  1 
ATOM 484 C "C4'"  . G A 1 16 ? 1.199   14.064  5.356   1.00 3.65 ? 16 G A "C4'"  1 
ATOM 485 O "O4'"  . G A 1 16 ? 1.719   12.810  4.897   1.00 3.11 ? 16 G A "O4'"  1 
ATOM 486 C "C3'"  . G A 1 16 ? 1.043   14.904  4.093   1.00 3.92 ? 16 G A "C3'"  1 
ATOM 487 O "O3'"  . G A 1 16 ? 1.147   16.311  4.373   1.00 4.56 ? 16 G A "O3'"  1 
ATOM 488 C "C2'"  . G A 1 16 ? 2.207   14.410  3.258   1.00 3.69 ? 16 G A "C2'"  1 
ATOM 489 O "O2'"  . G A 1 16 ? 3.444   14.997  3.683   1.00 4.03 ? 16 G A "O2'"  1 
ATOM 490 C "C1'"  . G A 1 16 ? 2.169   12.911  3.539   1.00 3.06 ? 16 G A "C1'"  1 
ATOM 491 N N9     . G A 1 16 ? 1.226   12.167  2.680   1.00 2.71 ? 16 G A N9     1 
ATOM 492 C C8     . G A 1 16 ? -0.012  11.694  2.968   1.00 2.61 ? 16 G A C8     1 
ATOM 493 N N7     . G A 1 16 ? -0.644  11.064  2.037   1.00 2.44 ? 16 G A N7     1 
ATOM 494 C C5     . G A 1 16 ? 0.276   11.113  0.985   1.00 2.45 ? 16 G A C5     1 
ATOM 495 C C6     . G A 1 16 ? 0.180   10.594  -0.334  1.00 2.55 ? 16 G A C6     1 
ATOM 496 O O6     . G A 1 16 ? -0.745  9.974   -0.847  1.00 2.66 ? 16 G A O6     1 
ATOM 497 N N1     . G A 1 16 ? 1.321   10.864  -1.068  1.00 2.72 ? 16 G A N1     1 
ATOM 498 C C2     . G A 1 16 ? 2.422   11.544  -0.602  1.00 2.76 ? 16 G A C2     1 
ATOM 499 N N2     . G A 1 16 ? 3.414   11.704  -1.462  1.00 3.01 ? 16 G A N2     1 
ATOM 500 N N3     . G A 1 16 ? 2.528   12.036  0.631   1.00 2.71 ? 16 G A N3     1 
ATOM 501 C C4     . G A 1 16 ? 1.425   11.786  1.372   1.00 2.57 ? 16 G A C4     1 
ATOM 502 H "H5'"  . G A 1 16 ? -0.001  13.216  6.920   1.00 3.53 ? 16 G A "H5'"  1 
ATOM 503 H "H5''" . G A 1 16 ? -0.471  14.860  6.442   1.00 4.08 ? 16 G A "H5''" 1 
ATOM 504 H "H4'"  . G A 1 16 ? 1.920   14.531  6.025   1.00 3.97 ? 16 G A "H4'"  1 
ATOM 505 H "H3'"  . G A 1 16 ? 0.099   14.666  3.595   1.00 3.83 ? 16 G A "H3'"  1 
ATOM 506 H "H2'"  . G A 1 16 ? 2.023   14.601  2.196   1.00 3.76 ? 16 G A "H2'"  1 
ATOM 507 H "HO2'" . G A 1 16 ? 3.282   15.936  3.809   1.00 4.36 ? 16 G A "HO2'" 1 
ATOM 508 H "H1'"  . G A 1 16 ? 3.170   12.490  3.447   1.00 2.97 ? 16 G A "H1'"  1 
ATOM 509 H H8     . G A 1 16 ? -0.459  11.848  3.950   1.00 2.78 ? 16 G A H8     1 
ATOM 510 H H1     . G A 1 16 ? 1.324   10.526  -2.018  1.00 2.94 ? 16 G A H1     1 
ATOM 511 H H21    . G A 1 16 ? 3.338   11.334  -2.399  1.00 3.18 ? 16 G A H21    1 
ATOM 512 H H22    . G A 1 16 ? 4.245   12.206  -1.182  1.00 3.11 ? 16 G A H22    1 
ATOM 513 P P      . A A 1 17 ? -0.162  17.253  4.362   1.00 5.06 ? 17 A A P      1 
ATOM 514 O OP1    . A A 1 17 ? 0.195   18.543  4.995   1.00 5.45 ? 17 A A OP1    1 
ATOM 515 O OP2    . A A 1 17 ? -1.306  16.469  4.881   1.00 5.50 ? 17 A A OP2    1 
ATOM 516 O "O5'"  . A A 1 17 ? -0.395  17.514  2.788   1.00 5.08 ? 17 A A "O5'"  1 
ATOM 517 C "C5'"  . A A 1 17 ? -1.688  17.334  2.194   1.00 4.97 ? 17 A A "C5'"  1 
ATOM 518 C "C4'"  . A A 1 17 ? -1.701  17.750  0.724   1.00 5.26 ? 17 A A "C4'"  1 
ATOM 519 O "O4'"  . A A 1 17 ? -1.315  19.120  0.559   1.00 5.91 ? 17 A A "O4'"  1 
ATOM 520 C "C3'"  . A A 1 17 ? -0.676  16.967  -0.085  1.00 4.98 ? 17 A A "C3'"  1 
ATOM 521 O "O3'"  . A A 1 17 ? -1.200  15.708  -0.535  1.00 4.56 ? 17 A A "O3'"  1 
ATOM 522 C "C2'"  . A A 1 17 ? -0.419  17.915  -1.240  1.00 5.59 ? 17 A A "C2'"  1 
ATOM 523 O "O2'"  . A A 1 17 ? -1.466  17.854  -2.217  1.00 5.79 ? 17 A A "O2'"  1 
ATOM 524 C "C1'"  . A A 1 17 ? -0.391  19.263  -0.529  1.00 6.10 ? 17 A A "C1'"  1 
ATOM 525 N N9     . A A 1 17 ? 0.935   19.611  0.020   1.00 6.22 ? 17 A A N9     1 
ATOM 526 C C8     . A A 1 17 ? 1.322   19.780  1.309   1.00 6.21 ? 17 A A C8     1 
ATOM 527 N N7     . A A 1 17 ? 2.560   20.084  1.526   1.00 6.40 ? 17 A A N7     1 
ATOM 528 C C5     . A A 1 17 ? 3.073   20.126  0.224   1.00 6.52 ? 17 A A C5     1 
ATOM 529 C C6     . A A 1 17 ? 4.353   20.397  -0.285  1.00 6.75 ? 17 A A C6     1 
ATOM 530 N N6     . A A 1 17 ? 5.397   20.688  0.485   1.00 6.91 ? 17 A A N6     1 
ATOM 531 N N1     . A A 1 17 ? 4.510   20.352  -1.617  1.00 6.86 ? 17 A A N1     1 
ATOM 532 C C2     . A A 1 17 ? 3.466   20.059  -2.387  1.00 6.78 ? 17 A A C2     1 
ATOM 533 N N3     . A A 1 17 ? 2.218   19.787  -2.038  1.00 6.57 ? 17 A A N3     1 
ATOM 534 C C4     . A A 1 17 ? 2.086   19.837  -0.696  1.00 6.43 ? 17 A A C4     1 
ATOM 535 H "H5'"  . A A 1 17 ? -2.417  17.934  2.739   1.00 5.22 ? 17 A A "H5'"  1 
ATOM 536 H "H5''" . A A 1 17 ? -1.969  16.282  2.267   1.00 4.48 ? 17 A A "H5''" 1 
ATOM 537 H "H4'"  . A A 1 17 ? -2.694  17.602  0.305   1.00 5.28 ? 17 A A "H4'"  1 
ATOM 538 H "H3'"  . A A 1 17 ? 0.239   16.831  0.498   1.00 4.79 ? 17 A A "H3'"  1 
ATOM 539 H "H2'"  . A A 1 17 ? 0.554   17.710  -1.694  1.00 5.55 ? 17 A A "H2'"  1 
ATOM 540 H "HO2'" . A A 1 17 ? -1.505  16.948  -2.534  1.00 5.79 ? 17 A A "HO2'" 1 
ATOM 541 H "H1'"  . A A 1 17 ? -0.732  20.047  -1.205  1.00 6.56 ? 17 A A "H1'"  1 
ATOM 542 H H8     . A A 1 17 ? 0.616   19.665  2.133   1.00 6.09 ? 17 A A H8     1 
ATOM 543 H H61    . A A 1 17 ? 6.295   20.875  0.066   1.00 7.08 ? 17 A A H61    1 
ATOM 544 H H62    . A A 1 17 ? 5.289   20.722  1.488   1.00 6.88 ? 17 A A H62    1 
ATOM 545 H H2     . A A 1 17 ? 3.665   20.039  -3.458  1.00 6.93 ? 17 A A H2     1 
ATOM 546 P P      . G A 1 18 ? -0.302  14.371  -0.467  1.00 4.07 ? 18 G A P      1 
ATOM 547 O OP1    . G A 1 18 ? -1.187  13.207  -0.692  1.00 4.54 ? 18 G A OP1    1 
ATOM 548 O OP2    . G A 1 18 ? 0.537   14.438  0.749   1.00 3.32 ? 18 G A OP2    1 
ATOM 549 O "O5'"  . G A 1 18 ? 0.663   14.525  -1.751  1.00 4.42 ? 18 G A "O5'"  1 
ATOM 550 C "C5'"  . G A 1 18 ? 0.123   14.525  -3.080  1.00 4.80 ? 18 G A "C5'"  1 
ATOM 551 C "C4'"  . G A 1 18 ? 1.049   15.231  -4.069  1.00 5.19 ? 18 G A "C4'"  1 
ATOM 552 O "O4'"  . G A 1 18 ? 1.410   16.535  -3.604  1.00 5.48 ? 18 G A "O4'"  1 
ATOM 553 C "C3'"  . G A 1 18 ? 2.374   14.493  -4.221  1.00 4.88 ? 18 G A "C3'"  1 
ATOM 554 O "O3'"  . G A 1 18 ? 2.293   13.462  -5.220  1.00 4.93 ? 18 G A "O3'"  1 
ATOM 555 C "C2'"  . G A 1 18 ? 3.298   15.620  -4.651  1.00 5.24 ? 18 G A "C2'"  1 
ATOM 556 O "O2'"  . G A 1 18 ? 3.150   15.916  -6.047  1.00 5.72 ? 18 G A "O2'"  1 
ATOM 557 C "C1'"  . G A 1 18 ? 2.812   16.775  -3.783  1.00 5.48 ? 18 G A "C1'"  1 
ATOM 558 N N9     . G A 1 18 ? 3.455   16.831  -2.453  1.00 5.20 ? 18 G A N9     1 
ATOM 559 C C8     . G A 1 18 ? 2.941   16.564  -1.227  1.00 4.76 ? 18 G A C8     1 
ATOM 560 N N7     . G A 1 18 ? 3.716   16.713  -0.206  1.00 4.71 ? 18 G A N7     1 
ATOM 561 C C5     . G A 1 18 ? 4.905   17.132  -0.812  1.00 5.14 ? 18 G A C5     1 
ATOM 562 C C6     . G A 1 18 ? 6.158   17.467  -0.232  1.00 5.38 ? 18 G A C6     1 
ATOM 563 O O6     . G A 1 18 ? 6.479   17.469  0.952   1.00 5.29 ? 18 G A O6     1 
ATOM 564 N N1     . G A 1 18 ? 7.082   17.835  -1.196  1.00 5.83 ? 18 G A N1     1 
ATOM 565 C C2     . G A 1 18 ? 6.841   17.880  -2.550  1.00 6.06 ? 18 G A C2     1 
ATOM 566 N N2     . G A 1 18 ? 7.853   18.260  -3.317  1.00 6.53 ? 18 G A N2     1 
ATOM 567 N N3     . G A 1 18 ? 5.672   17.570  -3.106  1.00 5.90 ? 18 G A N3     1 
ATOM 568 C C4     . G A 1 18 ? 4.751   17.206  -2.188  1.00 5.43 ? 18 G A C4     1 
ATOM 569 H "H5'"  . G A 1 18 ? -0.841  15.035  -3.072  1.00 5.07 ? 18 G A "H5'"  1 
ATOM 570 H "H5''" . G A 1 18 ? -0.024  13.493  -3.405  1.00 4.61 ? 18 G A "H5''" 1 
ATOM 571 H "H4'"  . G A 1 18 ? 0.561   15.315  -5.038  1.00 5.53 ? 18 G A "H4'"  1 
ATOM 572 H "H3'"  . G A 1 18 ? 2.697   14.090  -3.257  1.00 4.46 ? 18 G A "H3'"  1 
ATOM 573 H "H2'"  . G A 1 18 ? 4.336   15.378  -4.410  1.00 5.00 ? 18 G A "H2'"  1 
ATOM 574 H "HO2'" . G A 1 18 ? 3.169   15.079  -6.518  1.00 5.73 ? 18 G A "HO2'" 1 
ATOM 575 H "H1'"  . G A 1 18 ? 2.960   17.719  -4.306  1.00 5.91 ? 18 G A "H1'"  1 
ATOM 576 H H8     . G A 1 18 ? 1.909   16.231  -1.108  1.00 4.51 ? 18 G A H8     1 
ATOM 577 H H1     . G A 1 18 ? 7.997   18.082  -0.857  1.00 6.05 ? 18 G A H1     1 
ATOM 578 H H21    . G A 1 18 ? 8.741   18.497  -2.903  1.00 6.68 ? 18 G A H21    1 
ATOM 579 H H22    . G A 1 18 ? 7.732   18.311  -4.318  1.00 6.75 ? 18 G A H22    1 
ATOM 580 P P      . A A 1 19 ? 3.261   12.174  -5.169  1.00 4.48 ? 19 A A P      1 
ATOM 581 O OP1    . A A 1 19 ? 3.261   11.543  -6.507  1.00 4.33 ? 19 A A OP1    1 
ATOM 582 O OP2    . A A 1 19 ? 2.905   11.371  -3.975  1.00 4.75 ? 19 A A OP2    1 
ATOM 583 O "O5'"  . A A 1 19 ? 4.710   12.831  -4.917  1.00 4.35 ? 19 A A "O5'"  1 
ATOM 584 C "C5'"  . A A 1 19 ? 5.592   13.121  -6.009  1.00 4.70 ? 19 A A "C5'"  1 
ATOM 585 C "C4'"  . A A 1 19 ? 7.017   13.379  -5.525  1.00 4.48 ? 19 A A "C4'"  1 
ATOM 586 O "O4'"  . A A 1 19 ? 7.093   14.547  -4.693  1.00 4.46 ? 19 A A "O4'"  1 
ATOM 587 C "C3'"  . A A 1 19 ? 7.509   12.240  -4.640  1.00 3.94 ? 19 A A "C3'"  1 
ATOM 588 O "O3'"  . A A 1 19 ? 8.100   11.183  -5.412  1.00 4.06 ? 19 A A "O3'"  1 
ATOM 589 C "C2'"  . A A 1 19 ? 8.528   12.952  -3.771  1.00 3.71 ? 19 A A "C2'"  1 
ATOM 590 O "O2'"  . A A 1 19 ? 9.762   13.170  -4.470  1.00 3.88 ? 19 A A "O2'"  1 
ATOM 591 C "C1'"  . A A 1 19 ? 7.807   14.261  -3.483  1.00 4.00 ? 19 A A "C1'"  1 
ATOM 592 N N9     . A A 1 19 ? 6.830   14.164  -2.383  1.00 3.76 ? 19 A A N9     1 
ATOM 593 C C8     . A A 1 19 ? 5.505   13.887  -2.432  1.00 3.83 ? 19 A A C8     1 
ATOM 594 N N7     . A A 1 19 ? 4.862   13.840  -1.315  1.00 3.61 ? 19 A A N7     1 
ATOM 595 C C5     . A A 1 19 ? 5.875   14.118  -0.395  1.00 3.41 ? 19 A A C5     1 
ATOM 596 C C6     . A A 1 19 ? 5.881   14.226  1.004   1.00 3.29 ? 19 A A C6     1 
ATOM 597 N N6     . A A 1 19 ? 4.796   14.045  1.750   1.00 3.27 ? 19 A A N6     1 
ATOM 598 N N1     . A A 1 19 ? 7.052   14.515  1.596   1.00 3.30 ? 19 A A N1     1 
ATOM 599 C C2     . A A 1 19 ? 8.137   14.683  0.846   1.00 3.33 ? 19 A A C2     1 
ATOM 600 N N3     . A A 1 19 ? 8.266   14.610  -0.471  1.00 3.41 ? 19 A A N3     1 
ATOM 601 C C4     . A A 1 19 ? 7.079   14.319  -1.039  1.00 3.49 ? 19 A A C4     1 
ATOM 602 H "H5'"  . A A 1 19 ? 5.230   14.003  -6.538  1.00 5.08 ? 19 A A "H5'"  1 
ATOM 603 H "H5''" . A A 1 19 ? 5.600   12.272  -6.695  1.00 4.80 ? 19 A A "H5''" 1 
ATOM 604 H "H4'"  . A A 1 19 ? 7.683   13.498  -6.378  1.00 4.76 ? 19 A A "H4'"  1 
ATOM 605 H "H3'"  . A A 1 19 ? 6.689   11.866  -4.020  1.00 3.72 ? 19 A A "H3'"  1 
ATOM 606 H "H2'"  . A A 1 19 ? 8.693   12.397  -2.842  1.00 3.32 ? 19 A A "H2'"  1 
ATOM 607 H "HO2'" . A A 1 19 ? 9.962   12.362  -4.949  1.00 3.73 ? 19 A A "HO2'" 1 
ATOM 608 H "H1'"  . A A 1 19 ? 8.529   15.052  -3.278  1.00 4.13 ? 19 A A "H1'"  1 
ATOM 609 H H8     . A A 1 19 ? 5.001   13.707  -3.381  1.00 4.12 ? 19 A A H8     1 
ATOM 610 H H61    . A A 1 19 ? 4.853   14.135  2.755   1.00 3.29 ? 19 A A H61    1 
ATOM 611 H H62    . A A 1 19 ? 3.915   13.818  1.313   1.00 3.29 ? 19 A A H62    1 
ATOM 612 H H2     . A A 1 19 ? 9.051   14.914  1.394   1.00 3.38 ? 19 A A H2     1 
ATOM 613 P P      . U A 1 20 ? 7.458   9.704   -5.408  1.00 3.97 ? 20 U A P      1 
ATOM 614 O OP1    . U A 1 20 ? 8.169   8.885   -6.414  1.00 4.53 ? 20 U A OP1    1 
ATOM 615 O OP2    . U A 1 20 ? 5.983   9.836   -5.468  1.00 4.23 ? 20 U A OP2    1 
ATOM 616 O "O5'"  . U A 1 20 ? 7.849   9.156   -3.942  1.00 3.34 ? 20 U A "O5'"  1 
ATOM 617 C "C5'"  . U A 1 20 ? 9.162   9.369   -3.408  1.00 3.17 ? 20 U A "C5'"  1 
ATOM 618 C "C4'"  . U A 1 20 ? 9.170   9.330   -1.881  1.00 2.72 ? 20 U A "C4'"  1 
ATOM 619 O "O4'"  . U A 1 20 ? 8.147   10.169  -1.326  1.00 2.54 ? 20 U A "O4'"  1 
ATOM 620 C "C3'"  . U A 1 20 ? 8.849   7.939   -1.350  1.00 2.65 ? 20 U A "C3'"  1 
ATOM 621 O "O3'"  . U A 1 20 ? 10.020  7.102   -1.304  1.00 2.76 ? 20 U A "O3'"  1 
ATOM 622 C "C2'"  . U A 1 20 ? 8.322   8.271   0.037   1.00 2.28 ? 20 U A "C2'"  1 
ATOM 623 O "O2'"  . U A 1 20 ? 9.388   8.561   0.954   1.00 2.13 ? 20 U A "O2'"  1 
ATOM 624 C "C1'"  . U A 1 20 ? 7.473   9.503   -0.246  1.00 2.24 ? 20 U A "C1'"  1 
ATOM 625 N N1     . U A 1 20 ? 6.090   9.178   -0.671  1.00 2.33 ? 20 U A N1     1 
ATOM 626 C C2     . U A 1 20 ? 5.156   8.936   0.321   1.00 2.04 ? 20 U A C2     1 
ATOM 627 O O2     . U A 1 20 ? 5.434   8.992   1.514   1.00 1.80 ? 20 U A O2     1 
ATOM 628 N N3     . U A 1 20 ? 3.883   8.623   -0.107  1.00 2.15 ? 20 U A N3     1 
ATOM 629 C C4     . U A 1 20 ? 3.462   8.531   -1.418  1.00 2.57 ? 20 U A C4     1 
ATOM 630 O O4     . U A 1 20 ? 2.296   8.251   -1.678  1.00 2.68 ? 20 U A O4     1 
ATOM 631 C C5     . U A 1 20 ? 4.495   8.798   -2.390  1.00 2.89 ? 20 U A C5     1 
ATOM 632 C C6     . U A 1 20 ? 5.753   9.108   -1.998  1.00 2.75 ? 20 U A C6     1 
ATOM 633 H "H5'"  . U A 1 20 ? 9.525   10.343  -3.738  1.00 3.29 ? 20 U A "H5'"  1 
ATOM 634 H "H5''" . U A 1 20 ? 9.830   8.595   -3.787  1.00 3.33 ? 20 U A "H5''" 1 
ATOM 635 H "H4'"  . U A 1 20 ? 10.141  9.652   -1.508  1.00 2.65 ? 20 U A "H4'"  1 
ATOM 636 H "H3'"  . U A 1 20 ? 8.056   7.480   -1.950  1.00 2.87 ? 20 U A "H3'"  1 
ATOM 637 H "H2'"  . U A 1 20 ? 7.695   7.458   0.409   1.00 2.30 ? 20 U A "H2'"  1 
ATOM 638 H "HO2'" . U A 1 20 ? 9.772   7.721   1.221   1.00 2.16 ? 20 U A "HO2'" 1 
ATOM 639 H "H1'"  . U A 1 20 ? 7.451   10.148  0.632   1.00 2.06 ? 20 U A "H1'"  1 
ATOM 640 H H3     . U A 1 20 ? 3.195   8.439   0.607   1.00 1.96 ? 20 U A H3     1 
ATOM 641 H H5     . U A 1 20 ? 4.260   8.749   -3.453  1.00 3.28 ? 20 U A H5     1 
ATOM 642 H H6     . U A 1 20 ? 6.513   9.304   -2.754  1.00 3.01 ? 20 U A H6     1 
ATOM 643 P P      . G A 1 21 ? 10.012  5.695   -0.513  1.00 2.90 ? 21 G A P      1 
ATOM 644 O OP1    . G A 1 21 ? 10.027  5.983   0.941   1.00 3.44 ? 21 G A OP1    1 
ATOM 645 O OP2    . G A 1 21 ? 11.059  4.828   -1.102  1.00 3.33 ? 21 G A OP2    1 
ATOM 646 O "O5'"  . G A 1 21 ? 8.573   5.076   -0.900  1.00 2.66 ? 21 G A "O5'"  1 
ATOM 647 C "C5'"  . G A 1 21 ? 7.986   4.015   -0.129  1.00 2.69 ? 21 G A "C5'"  1 
ATOM 648 C "C4'"  . G A 1 21 ? 7.627   4.474   1.285   1.00 2.41 ? 21 G A "C4'"  1 
ATOM 649 O "O4'"  . G A 1 21 ? 6.773   5.622   1.261   1.00 2.14 ? 21 G A "O4'"  1 
ATOM 650 C "C3'"  . G A 1 21 ? 6.819   3.420   2.033   1.00 2.56 ? 21 G A "C3'"  1 
ATOM 651 O "O3'"  . G A 1 21 ? 7.657   2.429   2.652   1.00 2.78 ? 21 G A "O3'"  1 
ATOM 652 C "C2'"  . G A 1 21 ? 6.104   4.280   3.059   1.00 2.30 ? 21 G A "C2'"  1 
ATOM 653 O "O2'"  . G A 1 21 ? 6.974   4.648   4.140   1.00 2.26 ? 21 G A "O2'"  1 
ATOM 654 C "C1'"  . G A 1 21 ? 5.714   5.491   2.216   1.00 2.05 ? 21 G A "C1'"  1 
ATOM 655 N N9     . G A 1 21 ? 4.444   5.312   1.487   1.00 2.10 ? 21 G A N9     1 
ATOM 656 C C8     . G A 1 21 ? 4.182   5.410   0.159   1.00 2.36 ? 21 G A C8     1 
ATOM 657 N N7     . G A 1 21 ? 2.974   5.178   -0.231  1.00 2.42 ? 21 G A N7     1 
ATOM 658 C C5     . G A 1 21 ? 2.337   4.887   0.982   1.00 2.15 ? 21 G A C5     1 
ATOM 659 C C6     . G A 1 21 ? 0.984   4.542   1.247   1.00 2.10 ? 21 G A C6     1 
ATOM 660 O O6     . G A 1 21 ? 0.057   4.411   0.453   1.00 2.27 ? 21 G A O6     1 
ATOM 661 N N1     . G A 1 21 ? 0.768   4.334   2.600   1.00 1.90 ? 21 G A N1     1 
ATOM 662 C C2     . G A 1 21 ? 1.727   4.440   3.581   1.00 1.83 ? 21 G A C2     1 
ATOM 663 N N2     . G A 1 21 ? 1.329   4.210   4.823   1.00 1.84 ? 21 G A N2     1 
ATOM 664 N N3     . G A 1 21 ? 2.995   4.760   3.346   1.00 1.85 ? 21 G A N3     1 
ATOM 665 C C4     . G A 1 21 ? 3.234   4.969   2.034   1.00 1.99 ? 21 G A C4     1 
ATOM 666 H "H5'"  . G A 1 21 ? 8.693   3.187   -0.066  1.00 2.91 ? 21 G A "H5'"  1 
ATOM 667 H "H5''" . G A 1 21 ? 7.082   3.672   -0.630  1.00 2.78 ? 21 G A "H5''" 1 
ATOM 668 H "H4'"  . G A 1 21 ? 8.533   4.708   1.840   1.00 2.36 ? 21 G A "H4'"  1 
ATOM 669 H "H3'"  . G A 1 21 ? 6.088   2.958   1.363   1.00 2.73 ? 21 G A "H3'"  1 
ATOM 670 H "H2'"  . G A 1 21 ? 5.209   3.771   3.429   1.00 2.41 ? 21 G A "H2'"  1 
ATOM 671 H "HO2'" . G A 1 21 ? 7.756   5.050   3.751   1.00 2.31 ? 21 G A "HO2'" 1 
ATOM 672 H "H1'"  . G A 1 21 ? 5.663   6.381   2.841   1.00 1.85 ? 21 G A "H1'"  1 
ATOM 673 H H8     . G A 1 21 ? 4.964   5.679   -0.552  1.00 2.55 ? 21 G A H8     1 
ATOM 674 H H1     . G A 1 21 ? -0.173  4.085   2.863   1.00 1.89 ? 21 G A H1     1 
ATOM 675 H H21    . G A 1 21 ? 0.365   3.966   5.010   1.00 1.86 ? 21 G A H21    1 
ATOM 676 H H22    . G A 1 21 ? 1.988   4.281   5.582   1.00 1.90 ? 21 G A H22    1 
ATOM 677 P P      . G A 1 22 ? 8.028   1.064   1.877   1.00 3.33 ? 22 G A P      1 
ATOM 678 O OP1    . G A 1 22 ? 9.407   1.188   1.356   1.00 4.02 ? 22 G A OP1    1 
ATOM 679 O OP2    . G A 1 22 ? 6.919   0.735   0.955   1.00 3.98 ? 22 G A OP2    1 
ATOM 680 O "O5'"  . G A 1 22 ? 8.035   -0.032  3.062   1.00 2.90 ? 22 G A "O5'"  1 
ATOM 681 C "C5'"  . G A 1 22 ? 8.248   -1.421  2.774   1.00 2.90 ? 22 G A "C5'"  1 
ATOM 682 C "C4'"  . G A 1 22 ? 7.892   -2.308  3.968   1.00 2.65 ? 22 G A "C4'"  1 
ATOM 683 O "O4'"  . G A 1 22 ? 6.513   -2.181  4.314   1.00 2.43 ? 22 G A "O4'"  1 
ATOM 684 C "C3'"  . G A 1 22 ? 8.077   -3.785  3.639   1.00 2.63 ? 22 G A "C3'"  1 
ATOM 685 O "O3'"  . G A 1 22 ? 8.391   -4.547  4.812   1.00 2.62 ? 22 G A "O3'"  1 
ATOM 686 C "C2'"  . G A 1 22 ? 6.724   -4.167  3.069   1.00 2.48 ? 22 G A "C2'"  1 
ATOM 687 O "O2'"  . G A 1 22 ? 6.472   -5.573  3.212   1.00 2.48 ? 22 G A "O2'"  1 
ATOM 688 C "C1'"  . G A 1 22 ? 5.762   -3.332  3.907   1.00 2.29 ? 22 G A "C1'"  1 
ATOM 689 N N9     . G A 1 22 ? 4.606   -2.856  3.136   1.00 2.30 ? 22 G A N9     1 
ATOM 690 C C8     . G A 1 22 ? 4.588   -2.153  1.981   1.00 2.55 ? 22 G A C8     1 
ATOM 691 N N7     . G A 1 22 ? 3.437   -1.838  1.488   1.00 2.65 ? 22 G A N7     1 
ATOM 692 C C5     . G A 1 22 ? 2.564   -2.401  2.428   1.00 2.42 ? 22 G A C5     1 
ATOM 693 C C6     . G A 1 22 ? 1.143   -2.410  2.469   1.00 2.51 ? 22 G A C6     1 
ATOM 694 O O6     . G A 1 22 ? 0.350   -1.916  1.671   1.00 2.78 ? 22 G A O6     1 
ATOM 695 N N1     . G A 1 22 ? 0.671   -3.083  3.584   1.00 2.35 ? 22 G A N1     1 
ATOM 696 C C2     . G A 1 22 ? 1.460   -3.676  4.542   1.00 2.16 ? 22 G A C2     1 
ATOM 697 N N2     . G A 1 22 ? 0.827   -4.275  5.536   1.00 2.20 ? 22 G A N2     1 
ATOM 698 N N3     . G A 1 22 ? 2.792   -3.676  4.516   1.00 2.08 ? 22 G A N3     1 
ATOM 699 C C4     . G A 1 22 ? 3.278   -3.026  3.441   1.00 2.21 ? 22 G A C4     1 
ATOM 700 H "H5'"  . G A 1 22 ? 9.296   -1.575  2.519   1.00 3.41 ? 22 G A "H5'"  1 
ATOM 701 H "H5''" . G A 1 22 ? 7.629   -1.707  1.923   1.00 3.08 ? 22 G A "H5''" 1 
ATOM 702 H "H4'"  . G A 1 22 ? 8.507   -2.038  4.824   1.00 2.77 ? 22 G A "H4'"  1 
ATOM 703 H "H3'"  . G A 1 22 ? 8.848   -3.901  2.875   1.00 2.86 ? 22 G A "H3'"  1 
ATOM 704 H "HO3'" . G A 1 22 ? 7.756   -4.300  5.491   1.00 2.37 ? 22 G A "HO3'" 1 
ATOM 705 H "H2'"  . G A 1 22 ? 6.666   -3.866  2.020   1.00 2.65 ? 22 G A "H2'"  1 
ATOM 706 H "HO2'" . G A 1 22 ? 6.665   -5.808  4.125   1.00 2.49 ? 22 G A "HO2'" 1 
ATOM 707 H "H1'"  . G A 1 22 ? 5.428   -3.896  4.779   1.00 2.19 ? 22 G A "H1'"  1 
ATOM 708 H H8     . G A 1 22 ? 5.520   -1.871  1.483   1.00 2.75 ? 22 G A H8     1 
ATOM 709 H H1     . G A 1 22 ? -0.331  -3.129  3.682   1.00 2.48 ? 22 G A H1     1 
ATOM 710 H H21    . G A 1 22 ? -0.182  -4.280  5.565   1.00 2.35 ? 22 G A H21    1 
ATOM 711 H H22    . G A 1 22 ? 1.356   -4.723  6.269   1.00 2.18 ? 22 G A H22    1 
# 
